data_7F4R
#
_entry.id   7F4R
#
_cell.length_a   44.872
_cell.length_b   112.947
_cell.length_c   81.851
_cell.angle_alpha   90.000
_cell.angle_beta   97.810
_cell.angle_gamma   90.000
#
_symmetry.space_group_name_H-M   'P 1 21 1'
#
loop_
_entity.id
_entity.type
_entity.pdbx_description
1 polymer 'MT-a70 family protein'
2 water water
#
_entity_poly.entity_id   1
_entity_poly.type   'polypeptide(L)'
_entity_poly.pdbx_seq_one_letter_code
;MVPDNSIPICSDVTKLNFQALIDAQMRHAGKMFDVIMMDPPWQLSSSQPSRGVAIAYDSLSDEKIQNMPIQSLQQDGFIF
VWAINAKYRVTIKMIENWGYKLVDEITWVKKTVNGKIAKGHGFYLQHAKESCLIGVKGDVDNGRFKKNIASDVIFSERRG
QSQKPEEIYQYINQLCPNGNYLEIFARRNNLHDNWVSIGNEL
;
_entity_poly.pdbx_strand_id   A,B,C,D
#
# COMPACT_ATOMS: atom_id res chain seq x y z
N ASP A 12 27.65 4.08 -23.68
CA ASP A 12 27.39 4.76 -24.94
C ASP A 12 25.93 4.80 -25.39
N VAL A 13 25.14 3.73 -25.18
CA VAL A 13 25.43 2.61 -24.29
C VAL A 13 26.15 1.49 -25.02
N THR A 14 26.59 1.79 -26.23
CA THR A 14 27.42 0.86 -26.94
C THR A 14 28.66 0.65 -26.08
N LYS A 15 29.15 1.72 -25.49
CA LYS A 15 30.40 1.64 -24.74
C LYS A 15 30.28 2.20 -23.35
N LEU A 16 30.75 1.44 -22.37
CA LEU A 16 30.65 1.82 -20.99
C LEU A 16 31.99 1.42 -20.41
N ASN A 17 32.42 2.09 -19.36
CA ASN A 17 33.73 1.80 -18.81
C ASN A 17 33.69 0.63 -17.83
N PHE A 18 33.52 -0.56 -18.36
CA PHE A 18 33.54 -1.74 -17.52
C PHE A 18 34.91 -1.90 -16.86
N GLN A 19 35.98 -1.58 -17.58
CA GLN A 19 37.33 -1.71 -17.01
C GLN A 19 37.50 -0.86 -15.76
N ALA A 20 36.97 0.36 -15.77
CA ALA A 20 37.03 1.17 -14.54
C ALA A 20 36.16 0.57 -13.47
N LEU A 21 35.07 -0.03 -13.89
CA LEU A 21 34.21 -0.74 -13.00
C LEU A 21 34.88 -1.95 -12.39
N ILE A 22 35.54 -2.73 -13.22
CA ILE A 22 36.23 -3.96 -12.79
C ILE A 22 37.33 -3.63 -11.79
N ASP A 23 38.19 -2.67 -12.13
CA ASP A 23 39.31 -2.35 -11.24
C ASP A 23 38.83 -1.69 -9.96
N ALA A 24 37.86 -0.77 -10.05
CA ALA A 24 37.34 -0.14 -8.85
C ALA A 24 36.76 -1.17 -7.88
N GLN A 25 36.11 -2.21 -8.40
CA GLN A 25 35.52 -3.18 -7.51
C GLN A 25 36.55 -4.21 -7.04
N MET A 26 37.47 -4.60 -7.91
CA MET A 26 38.53 -5.52 -7.50
C MET A 26 39.35 -4.93 -6.35
N ARG A 27 39.41 -3.60 -6.28
CA ARG A 27 40.08 -2.94 -5.16
C ARG A 27 39.20 -2.87 -3.92
N HIS A 28 37.89 -2.74 -4.12
CA HIS A 28 36.96 -2.71 -3.00
C HIS A 28 37.01 -4.03 -2.23
N ALA A 29 36.89 -5.12 -2.96
CA ALA A 29 36.72 -6.44 -2.36
C ALA A 29 37.66 -7.56 -2.72
N GLY A 30 38.49 -7.40 -3.72
CA GLY A 30 39.40 -8.45 -4.10
C GLY A 30 38.72 -9.56 -4.89
N LYS A 31 37.45 -9.36 -5.19
CA LYS A 31 36.66 -10.30 -5.95
C LYS A 31 35.57 -9.53 -6.68
N MET A 32 34.97 -10.16 -7.67
CA MET A 32 33.94 -9.51 -8.47
C MET A 32 32.54 -9.60 -7.83
N PHE A 33 31.55 -9.13 -8.57
CA PHE A 33 30.25 -8.92 -7.99
C PHE A 33 29.54 -10.18 -7.52
N ASP A 34 28.86 -10.02 -6.39
CA ASP A 34 27.95 -11.01 -5.84
C ASP A 34 26.66 -11.21 -6.63
N VAL A 35 26.07 -10.12 -7.05
CA VAL A 35 24.90 -10.19 -7.88
C VAL A 35 24.95 -9.15 -8.97
N ILE A 36 24.57 -9.53 -10.17
CA ILE A 36 24.35 -8.58 -11.25
C ILE A 36 22.86 -8.58 -11.58
N MET A 37 22.27 -7.38 -11.65
CA MET A 37 20.93 -7.23 -12.20
C MET A 37 21.02 -6.43 -13.48
N MET A 38 20.46 -6.96 -14.56
CA MET A 38 20.38 -6.27 -15.83
C MET A 38 18.94 -5.92 -16.17
N ASP A 39 18.74 -4.70 -16.67
CA ASP A 39 17.42 -4.21 -17.06
C ASP A 39 17.50 -3.72 -18.50
N PRO A 40 17.67 -4.64 -19.45
CA PRO A 40 18.13 -4.23 -20.78
C PRO A 40 17.06 -3.39 -21.50
N PRO A 41 17.49 -2.43 -22.33
CA PRO A 41 16.54 -1.64 -23.15
C PRO A 41 16.21 -2.35 -24.46
N TRP A 42 15.39 -3.40 -24.34
CA TRP A 42 14.96 -4.17 -25.51
C TRP A 42 14.32 -3.26 -26.54
N GLN A 43 14.41 -3.65 -27.81
CA GLN A 43 13.76 -2.86 -28.85
C GLN A 43 12.27 -3.15 -28.86
N TYR A 57 12.52 5.80 -26.67
CA TYR A 57 13.81 5.90 -26.01
C TYR A 57 14.93 5.22 -26.78
N ASP A 58 16.11 5.13 -26.16
CA ASP A 58 17.19 4.37 -26.78
C ASP A 58 16.97 2.89 -26.50
N SER A 59 17.52 2.05 -27.37
CA SER A 59 17.35 0.61 -27.32
C SER A 59 18.66 -0.06 -27.67
N LEU A 60 18.79 -1.32 -27.31
CA LEU A 60 19.94 -2.07 -27.74
C LEU A 60 19.51 -3.34 -28.45
N SER A 61 20.21 -3.68 -29.51
CA SER A 61 19.88 -4.87 -30.23
C SER A 61 20.18 -6.04 -29.33
N ASP A 62 19.56 -7.17 -29.61
CA ASP A 62 19.76 -8.35 -28.80
C ASP A 62 21.23 -8.72 -28.81
N GLU A 63 21.88 -8.57 -29.96
CA GLU A 63 23.28 -8.95 -30.08
C GLU A 63 24.19 -8.14 -29.20
N LYS A 64 23.97 -6.86 -29.17
CA LYS A 64 24.78 -5.96 -28.38
C LYS A 64 24.67 -6.28 -26.90
N ILE A 65 23.47 -6.62 -26.48
CA ILE A 65 23.27 -6.99 -25.08
C ILE A 65 23.99 -8.29 -24.74
N GLN A 66 23.93 -9.27 -25.63
CA GLN A 66 24.61 -10.54 -25.40
C GLN A 66 26.12 -10.33 -25.34
N ASN A 67 26.58 -9.43 -26.17
CA ASN A 67 27.99 -9.21 -26.37
C ASN A 67 28.69 -8.57 -25.19
N MET A 68 27.92 -8.05 -24.25
CA MET A 68 28.47 -7.37 -23.09
C MET A 68 29.29 -8.31 -22.23
N PRO A 69 30.37 -7.71 -21.58
CA PRO A 69 31.30 -8.67 -20.99
C PRO A 69 30.96 -9.12 -19.61
N ILE A 70 29.80 -9.75 -19.48
CA ILE A 70 29.27 -10.18 -18.19
C ILE A 70 30.22 -11.17 -17.53
N GLN A 71 30.82 -12.03 -18.32
CA GLN A 71 31.69 -13.05 -17.80
C GLN A 71 32.86 -12.44 -17.03
N SER A 72 33.24 -11.22 -17.37
CA SER A 72 34.32 -10.56 -16.67
C SER A 72 33.82 -9.72 -15.51
N LEU A 73 32.51 -9.59 -15.39
CA LEU A 73 31.94 -8.84 -14.28
C LEU A 73 31.57 -9.69 -13.05
N GLN A 74 31.55 -11.00 -13.20
CA GLN A 74 31.20 -11.87 -12.10
C GLN A 74 31.78 -13.28 -12.24
N GLN A 75 32.32 -13.82 -11.17
CA GLN A 75 32.85 -15.17 -11.13
C GLN A 75 32.01 -16.13 -10.33
N ASP A 76 31.44 -15.64 -9.23
CA ASP A 76 30.55 -16.42 -8.41
C ASP A 76 29.36 -15.59 -7.97
N GLY A 77 28.17 -16.16 -8.08
CA GLY A 77 26.97 -15.45 -7.70
C GLY A 77 25.81 -15.58 -8.66
N PHE A 78 24.90 -14.61 -8.59
CA PHE A 78 23.64 -14.66 -9.32
C PHE A 78 23.56 -13.54 -10.34
N ILE A 79 22.81 -13.78 -11.40
CA ILE A 79 22.46 -12.75 -12.39
C ILE A 79 20.93 -12.66 -12.49
N PHE A 80 20.41 -11.45 -12.41
CA PHE A 80 18.97 -11.19 -12.52
C PHE A 80 18.72 -10.40 -13.79
N VAL A 81 17.93 -10.91 -14.72
CA VAL A 81 17.70 -10.18 -15.96
C VAL A 81 16.21 -10.01 -16.22
N TRP A 82 15.80 -8.76 -16.45
CA TRP A 82 14.41 -8.43 -16.67
C TRP A 82 14.06 -8.65 -18.13
N ALA A 83 12.93 -9.32 -18.36
CA ALA A 83 12.47 -9.54 -19.73
C ALA A 83 10.95 -9.51 -19.74
N ILE A 84 10.39 -8.87 -20.77
CA ILE A 84 8.98 -9.00 -21.08
C ILE A 84 8.79 -10.32 -21.83
N ASN A 85 7.54 -10.67 -22.11
CA ASN A 85 7.23 -11.94 -22.77
C ASN A 85 8.03 -12.11 -24.07
N ALA A 86 8.12 -11.04 -24.87
CA ALA A 86 8.73 -11.17 -26.20
C ALA A 86 10.22 -11.48 -26.12
N LYS A 87 10.90 -11.06 -25.06
CA LYS A 87 12.32 -11.31 -24.90
C LYS A 87 12.61 -12.38 -23.85
N TYR A 88 11.59 -13.09 -23.38
CA TYR A 88 11.78 -14.09 -22.33
C TYR A 88 12.71 -15.21 -22.79
N ARG A 89 12.42 -15.80 -23.95
CA ARG A 89 13.20 -16.96 -24.38
C ARG A 89 14.65 -16.58 -24.71
N VAL A 90 14.85 -15.43 -25.36
CA VAL A 90 16.22 -14.99 -25.67
C VAL A 90 16.99 -14.64 -24.39
N THR A 91 16.31 -14.18 -23.34
CA THR A 91 17.02 -13.91 -22.10
C THR A 91 17.54 -15.20 -21.48
N ILE A 92 16.77 -16.28 -21.57
CA ILE A 92 17.24 -17.60 -21.13
C ILE A 92 18.55 -17.96 -21.84
N LYS A 93 18.54 -17.92 -23.18
CA LYS A 93 19.71 -18.32 -23.97
C LYS A 93 20.91 -17.46 -23.62
N MET A 94 20.66 -16.15 -23.45
CA MET A 94 21.71 -15.20 -23.13
C MET A 94 22.38 -15.55 -21.82
N ILE A 95 21.58 -15.80 -20.78
CA ILE A 95 22.11 -16.17 -19.47
C ILE A 95 22.87 -17.49 -19.56
N GLU A 96 22.31 -18.46 -20.29
CA GLU A 96 22.99 -19.74 -20.44
C GLU A 96 24.34 -19.56 -21.11
N ASN A 97 24.40 -18.69 -22.13
CA ASN A 97 25.65 -18.49 -22.87
C ASN A 97 26.73 -17.85 -22.01
N TRP A 98 26.35 -16.92 -21.13
CA TRP A 98 27.31 -16.32 -20.21
C TRP A 98 27.80 -17.30 -19.15
N GLY A 99 27.28 -18.52 -19.17
CA GLY A 99 27.76 -19.57 -18.28
C GLY A 99 26.96 -19.78 -17.01
N TYR A 100 25.77 -19.22 -16.92
CA TYR A 100 24.97 -19.43 -15.73
C TYR A 100 24.05 -20.62 -15.89
N LYS A 101 23.62 -21.18 -14.75
CA LYS A 101 22.57 -22.15 -14.69
C LYS A 101 21.29 -21.44 -14.20
N LEU A 102 20.23 -21.56 -14.97
CA LEU A 102 18.97 -20.94 -14.63
C LEU A 102 18.34 -21.72 -13.49
N VAL A 103 18.06 -21.03 -12.41
CA VAL A 103 17.59 -21.66 -11.21
C VAL A 103 16.35 -21.05 -10.52
N ASP A 104 15.94 -19.88 -10.98
CA ASP A 104 14.82 -19.17 -10.38
C ASP A 104 14.23 -18.11 -11.31
N GLU A 105 13.04 -17.63 -10.95
CA GLU A 105 12.37 -16.59 -11.67
C GLU A 105 11.53 -15.83 -10.69
N ILE A 106 11.50 -14.52 -10.85
CA ILE A 106 10.62 -13.63 -10.10
C ILE A 106 9.68 -12.96 -11.10
N THR A 107 8.41 -12.81 -10.71
CA THR A 107 7.45 -12.12 -11.56
C THR A 107 7.02 -10.83 -10.89
N TRP A 108 7.21 -9.71 -11.59
CA TRP A 108 6.58 -8.45 -11.22
C TRP A 108 5.14 -8.48 -11.72
N VAL A 109 4.19 -8.66 -10.80
CA VAL A 109 2.78 -8.63 -11.12
C VAL A 109 2.31 -7.19 -10.91
N LYS A 110 1.94 -6.53 -12.00
CA LYS A 110 1.73 -5.09 -11.98
C LYS A 110 0.27 -4.75 -11.67
N LYS A 111 0.06 -3.47 -11.37
CA LYS A 111 -1.27 -2.94 -11.14
C LYS A 111 -1.93 -2.47 -12.41
N THR A 112 -1.17 -2.29 -13.49
CA THR A 112 -1.70 -1.88 -14.78
C THR A 112 -2.19 -3.09 -15.57
N VAL A 113 -2.74 -2.84 -16.75
CA VAL A 113 -3.27 -3.89 -17.61
C VAL A 113 -2.80 -3.69 -19.04
N ASN A 114 -3.01 -4.69 -19.87
CA ASN A 114 -2.54 -4.69 -21.25
C ASN A 114 -3.72 -4.29 -22.15
N GLY A 115 -3.68 -3.07 -22.66
CA GLY A 115 -4.71 -2.62 -23.59
C GLY A 115 -6.04 -2.39 -22.92
N LYS A 116 -7.03 -2.13 -23.76
CA LYS A 116 -8.35 -1.76 -23.34
C LYS A 116 -9.45 -2.78 -23.61
N ILE A 117 -9.09 -3.94 -24.08
CA ILE A 117 -10.08 -4.99 -24.39
C ILE A 117 -9.64 -6.29 -23.73
N ALA A 118 -10.58 -6.97 -23.10
CA ALA A 118 -10.28 -8.27 -22.52
C ALA A 118 -10.01 -9.30 -23.61
N LYS A 119 -9.10 -10.20 -23.32
CA LYS A 119 -8.75 -11.26 -24.21
C LYS A 119 -9.87 -12.27 -24.36
N GLY A 120 -10.10 -12.74 -25.57
CA GLY A 120 -11.11 -13.74 -25.81
C GLY A 120 -12.53 -13.40 -25.33
N HIS A 121 -13.16 -14.36 -24.68
CA HIS A 121 -14.54 -14.18 -24.23
C HIS A 121 -14.64 -13.60 -22.81
N GLY A 122 -13.50 -13.18 -22.29
CA GLY A 122 -13.39 -12.67 -20.95
C GLY A 122 -13.96 -11.29 -20.75
N PHE A 123 -14.19 -10.93 -19.50
CA PHE A 123 -14.62 -9.61 -19.16
C PHE A 123 -13.54 -8.70 -18.58
N TYR A 124 -12.70 -9.24 -17.70
CA TYR A 124 -11.65 -8.46 -17.04
C TYR A 124 -10.39 -8.31 -17.88
N LEU A 125 -9.78 -7.13 -17.81
CA LEU A 125 -8.60 -6.82 -18.54
C LEU A 125 -7.39 -7.63 -18.05
N GLN A 126 -6.48 -7.96 -18.98
CA GLN A 126 -5.33 -8.78 -18.65
C GLN A 126 -4.30 -7.97 -17.88
N HIS A 127 -3.87 -8.47 -16.72
CA HIS A 127 -2.88 -7.74 -15.94
C HIS A 127 -1.54 -7.74 -16.63
N ALA A 128 -0.79 -6.66 -16.42
CA ALA A 128 0.57 -6.55 -16.92
C ALA A 128 1.54 -7.23 -15.97
N LYS A 129 2.58 -7.80 -16.54
CA LYS A 129 3.62 -8.48 -15.82
C LYS A 129 4.94 -8.50 -16.58
N GLU A 130 6.03 -8.60 -15.86
CA GLU A 130 7.36 -8.78 -16.41
C GLU A 130 8.04 -9.89 -15.65
N SER A 131 8.94 -10.59 -16.33
CA SER A 131 9.67 -11.69 -15.72
C SER A 131 11.12 -11.29 -15.50
N CYS A 132 11.70 -11.81 -14.43
CA CYS A 132 13.08 -11.58 -14.08
C CYS A 132 13.72 -12.95 -13.94
N LEU A 133 14.50 -13.34 -14.93
CA LEU A 133 15.18 -14.62 -14.91
C LEU A 133 16.39 -14.60 -14.00
N ILE A 134 16.65 -15.68 -13.30
CA ILE A 134 17.69 -15.71 -12.28
C ILE A 134 18.63 -16.89 -12.55
N GLY A 135 19.90 -16.58 -12.81
CA GLY A 135 20.91 -17.62 -13.00
C GLY A 135 21.98 -17.65 -11.93
N VAL A 136 22.74 -18.74 -11.83
CA VAL A 136 23.78 -18.87 -10.81
C VAL A 136 25.02 -19.49 -11.46
N LYS A 137 26.19 -19.02 -11.05
CA LYS A 137 27.44 -19.64 -11.44
C LYS A 137 28.41 -19.62 -10.27
N GLY A 138 29.41 -20.49 -10.32
CA GLY A 138 30.43 -20.46 -9.31
C GLY A 138 30.00 -20.98 -7.96
N ASP A 139 30.71 -20.59 -6.92
CA ASP A 139 30.50 -21.17 -5.63
C ASP A 139 29.55 -20.31 -4.82
N VAL A 140 28.37 -20.84 -4.60
CA VAL A 140 27.39 -20.12 -3.85
C VAL A 140 26.85 -20.87 -2.65
N ASP A 141 27.39 -22.04 -2.37
CA ASP A 141 27.10 -22.68 -1.10
C ASP A 141 28.11 -22.19 -0.08
N ASN A 142 27.85 -20.98 0.39
CA ASN A 142 28.35 -20.34 1.58
C ASN A 142 27.15 -19.78 2.32
N GLY A 143 27.39 -19.39 3.57
CA GLY A 143 26.39 -18.55 4.23
C GLY A 143 26.24 -17.20 3.57
N ARG A 144 27.12 -16.87 2.63
CA ARG A 144 27.02 -15.57 1.96
C ARG A 144 25.71 -15.43 1.24
N PHE A 145 25.24 -16.52 0.65
CA PHE A 145 23.98 -16.53 -0.08
C PHE A 145 22.96 -17.38 0.65
N LYS A 146 21.75 -16.87 0.74
CA LYS A 146 20.71 -17.42 1.59
C LYS A 146 19.60 -18.00 0.77
N LYS A 147 19.20 -19.19 1.13
CA LYS A 147 18.11 -19.85 0.47
C LYS A 147 16.77 -19.80 1.20
N ASN A 148 15.70 -20.04 0.46
CA ASN A 148 14.39 -20.09 1.05
C ASN A 148 14.01 -18.78 1.70
N ILE A 149 13.96 -17.73 0.88
CA ILE A 149 13.71 -16.39 1.36
C ILE A 149 12.67 -15.64 0.53
N ALA A 150 12.09 -14.62 1.14
CA ALA A 150 11.25 -13.67 0.45
C ALA A 150 10.12 -14.37 -0.29
N SER A 151 9.93 -13.98 -1.55
CA SER A 151 8.86 -14.46 -2.41
C SER A 151 9.27 -14.38 -3.87
N ASP A 152 8.69 -15.22 -4.70
CA ASP A 152 8.99 -15.20 -6.13
C ASP A 152 8.07 -14.25 -6.90
N VAL A 153 7.40 -13.35 -6.20
CA VAL A 153 6.59 -12.34 -6.85
C VAL A 153 6.89 -10.99 -6.19
N ILE A 154 6.87 -9.93 -6.98
CA ILE A 154 7.02 -8.58 -6.44
C ILE A 154 5.92 -7.69 -7.00
N PHE A 155 5.69 -6.57 -6.30
CA PHE A 155 4.55 -5.70 -6.54
C PHE A 155 5.00 -4.25 -6.64
N SER A 156 4.28 -3.47 -7.45
CA SER A 156 4.47 -2.03 -7.45
C SER A 156 3.96 -1.43 -6.15
N GLU A 157 4.61 -0.35 -5.73
CA GLU A 157 4.08 0.51 -4.67
C GLU A 157 3.01 1.45 -5.20
N ARG A 158 3.06 1.82 -6.49
CA ARG A 158 2.14 2.79 -7.07
C ARG A 158 1.78 2.39 -8.49
N ARG A 159 0.50 2.36 -8.77
CA ARG A 159 0.02 1.87 -10.03
C ARG A 159 0.56 2.74 -11.06
N GLY A 160 1.20 2.11 -12.02
CA GLY A 160 1.81 2.82 -13.10
C GLY A 160 3.23 3.32 -12.92
N GLN A 161 3.91 2.99 -11.83
CA GLN A 161 5.24 3.51 -11.64
C GLN A 161 6.09 3.00 -12.77
N SER A 162 7.04 3.78 -13.20
CA SER A 162 7.95 3.31 -14.24
C SER A 162 9.20 2.65 -13.67
N GLN A 163 9.65 3.03 -12.48
CA GLN A 163 10.84 2.39 -11.94
C GLN A 163 10.49 1.01 -11.39
N LYS A 164 11.48 0.11 -11.40
CA LYS A 164 11.25 -1.23 -10.87
C LYS A 164 10.85 -1.14 -9.40
N PRO A 165 10.12 -2.15 -8.90
CA PRO A 165 9.66 -2.09 -7.51
C PRO A 165 10.81 -2.19 -6.52
N GLU A 166 10.68 -1.46 -5.40
CA GLU A 166 11.71 -1.53 -4.37
C GLU A 166 11.91 -2.96 -3.86
N GLU A 167 10.88 -3.80 -3.96
CA GLU A 167 11.02 -5.17 -3.45
C GLU A 167 12.12 -5.95 -4.17
N ILE A 168 12.37 -5.69 -5.47
CA ILE A 168 13.46 -6.46 -6.08
C ILE A 168 14.80 -6.10 -5.44
N TYR A 169 15.02 -4.85 -5.04
CA TYR A 169 16.28 -4.52 -4.36
C TYR A 169 16.32 -5.13 -2.96
N GLN A 170 15.18 -5.14 -2.26
CA GLN A 170 15.11 -5.85 -0.97
C GLN A 170 15.46 -7.31 -1.13
N TYR A 171 14.87 -7.99 -2.13
CA TYR A 171 15.01 -9.43 -2.23
C TYR A 171 16.41 -9.84 -2.66
N ILE A 172 17.12 -8.99 -3.40
CA ILE A 172 18.54 -9.19 -3.68
C ILE A 172 19.37 -9.01 -2.40
N ASN A 173 19.12 -7.93 -1.65
CA ASN A 173 19.79 -7.74 -0.38
C ASN A 173 19.62 -8.96 0.52
N GLN A 174 18.44 -9.55 0.52
CA GLN A 174 18.18 -10.72 1.35
C GLN A 174 18.98 -11.93 0.89
N LEU A 175 19.12 -12.04 -0.42
CA LEU A 175 19.86 -13.13 -1.00
C LEU A 175 21.32 -13.10 -0.62
N CYS A 176 21.91 -11.91 -0.56
CA CYS A 176 23.32 -11.81 -0.24
C CYS A 176 23.60 -10.62 0.64
N PRO A 177 23.28 -10.80 2.00
CA PRO A 177 23.34 -9.56 2.76
C PRO A 177 24.77 -9.00 2.77
N ASN A 178 24.92 -7.71 2.64
CA ASN A 178 26.22 -7.08 2.75
C ASN A 178 27.16 -7.35 1.59
N GLY A 179 26.66 -7.96 0.53
CA GLY A 179 27.49 -8.25 -0.61
C GLY A 179 27.63 -7.01 -1.46
N ASN A 180 28.23 -7.21 -2.62
CA ASN A 180 28.36 -6.22 -3.65
C ASN A 180 27.53 -6.55 -4.88
N TYR A 181 26.71 -5.59 -5.33
CA TYR A 181 25.81 -5.77 -6.45
C TYR A 181 26.05 -4.72 -7.53
N LEU A 182 25.80 -5.11 -8.76
CA LEU A 182 25.86 -4.21 -9.90
C LEU A 182 24.56 -4.26 -10.69
N GLU A 183 24.04 -3.09 -11.07
CA GLU A 183 22.89 -3.02 -11.95
C GLU A 183 23.27 -2.34 -13.25
N ILE A 184 22.78 -2.88 -14.35
CA ILE A 184 23.07 -2.34 -15.64
C ILE A 184 21.76 -1.93 -16.32
N PHE A 185 21.71 -0.73 -16.87
CA PHE A 185 20.54 -0.26 -17.58
C PHE A 185 19.26 0.00 -16.75
N ALA A 186 19.42 0.37 -15.49
CA ALA A 186 18.27 0.58 -14.65
C ALA A 186 17.31 1.55 -15.29
N ARG A 187 16.06 1.14 -15.35
CA ARG A 187 14.98 1.93 -15.88
C ARG A 187 14.76 3.13 -14.98
N ARG A 188 14.38 4.24 -15.58
CA ARG A 188 14.16 5.48 -14.86
C ARG A 188 12.80 5.62 -14.17
N ASN A 189 12.74 6.55 -13.23
CA ASN A 189 11.52 6.89 -12.57
C ASN A 189 10.93 8.15 -13.22
N ASN A 190 9.72 7.97 -13.75
CA ASN A 190 8.96 8.88 -14.59
C ASN A 190 8.75 10.16 -13.84
N LEU A 191 8.55 10.04 -12.55
CA LEU A 191 8.16 11.15 -11.70
C LEU A 191 9.19 12.26 -11.69
N HIS A 192 10.43 11.90 -11.88
CA HIS A 192 11.55 12.80 -11.72
C HIS A 192 12.05 13.47 -12.99
N ASP A 193 11.33 13.29 -14.07
CA ASP A 193 11.66 13.99 -15.29
C ASP A 193 11.46 15.47 -14.96
N ASN A 194 12.29 16.33 -15.49
CA ASN A 194 12.14 17.76 -15.19
C ASN A 194 12.72 18.19 -13.85
N TRP A 195 13.37 17.27 -13.17
CA TRP A 195 14.08 17.55 -11.95
C TRP A 195 15.56 17.47 -12.26
N VAL A 196 16.32 18.40 -11.72
CA VAL A 196 17.75 18.26 -11.62
C VAL A 196 18.06 18.24 -10.13
N SER A 197 19.18 17.66 -9.76
CA SER A 197 19.54 17.56 -8.37
C SER A 197 21.03 17.68 -8.21
N ILE A 198 21.48 18.37 -7.18
CA ILE A 198 22.87 18.40 -6.84
C ILE A 198 22.98 18.13 -5.37
N GLY A 199 24.13 17.69 -4.94
CA GLY A 199 24.34 17.38 -3.55
C GLY A 199 23.62 16.17 -3.01
N ASN A 200 23.22 15.24 -3.86
CA ASN A 200 22.62 13.98 -3.45
C ASN A 200 23.47 13.31 -2.38
N GLU A 201 22.83 12.88 -1.30
CA GLU A 201 23.50 12.02 -0.34
C GLU A 201 23.97 10.74 -1.02
N LEU A 202 25.22 10.37 -0.79
CA LEU A 202 25.79 9.19 -1.42
C LEU A 202 25.84 8.00 -0.46
N THR B 14 29.64 23.49 1.22
CA THR B 14 29.75 22.47 0.19
C THR B 14 30.21 23.10 -1.12
N LYS B 15 31.12 22.45 -1.81
CA LYS B 15 31.58 22.97 -3.08
C LYS B 15 30.73 22.33 -4.16
N LEU B 16 30.01 23.16 -4.89
CA LEU B 16 29.09 22.72 -5.90
C LEU B 16 29.18 23.79 -6.95
N ASN B 17 28.87 23.45 -8.19
CA ASN B 17 28.82 24.49 -9.19
C ASN B 17 27.45 24.61 -9.77
N PHE B 18 26.68 25.44 -9.10
CA PHE B 18 25.35 25.80 -9.51
C PHE B 18 25.39 26.53 -10.86
N GLN B 19 26.43 27.32 -11.06
CA GLN B 19 26.51 28.22 -12.20
C GLN B 19 26.41 27.41 -13.46
N ALA B 20 26.98 26.22 -13.46
CA ALA B 20 26.73 25.31 -14.54
C ALA B 20 25.26 24.97 -14.53
N LEU B 21 24.69 24.80 -13.35
CA LEU B 21 23.26 24.59 -13.30
C LEU B 21 22.56 25.82 -13.81
N ILE B 22 23.02 27.00 -13.41
CA ILE B 22 22.31 28.23 -13.79
C ILE B 22 22.43 28.48 -15.30
N ASP B 23 23.65 28.40 -15.83
CA ASP B 23 23.87 28.56 -17.28
C ASP B 23 23.19 27.47 -18.00
N ALA B 24 23.39 26.30 -17.48
CA ALA B 24 22.75 25.17 -18.14
C ALA B 24 21.23 25.32 -18.12
N GLN B 25 20.68 25.82 -17.02
CA GLN B 25 19.22 25.92 -16.97
C GLN B 25 18.70 27.11 -17.74
N MET B 26 19.46 28.21 -17.79
CA MET B 26 19.09 29.32 -18.65
C MET B 26 19.08 28.90 -20.11
N ARG B 27 20.05 28.08 -20.53
CA ARG B 27 20.10 27.55 -21.88
C ARG B 27 18.76 26.95 -22.30
N HIS B 28 18.13 26.19 -21.42
CA HIS B 28 17.11 25.23 -21.79
C HIS B 28 15.69 25.75 -21.69
N ALA B 29 15.44 26.73 -20.83
CA ALA B 29 14.13 27.37 -20.78
C ALA B 29 14.19 28.89 -20.89
N GLY B 30 15.39 29.48 -20.91
CA GLY B 30 15.48 30.92 -20.90
C GLY B 30 15.14 31.57 -19.58
N LYS B 31 14.80 30.79 -18.56
CA LYS B 31 14.51 31.35 -17.25
C LYS B 31 14.86 30.32 -16.18
N MET B 32 14.76 30.76 -14.93
CA MET B 32 15.24 30.03 -13.76
C MET B 32 14.20 29.01 -13.29
N PHE B 33 14.42 28.42 -12.11
CA PHE B 33 13.64 27.27 -11.69
C PHE B 33 12.28 27.68 -11.15
N ASP B 34 11.26 26.87 -11.47
CA ASP B 34 9.90 27.06 -10.98
C ASP B 34 9.76 26.67 -9.50
N VAL B 35 10.33 25.53 -9.12
CA VAL B 35 10.27 25.03 -7.76
C VAL B 35 11.67 24.60 -7.35
N ILE B 36 12.09 24.98 -6.15
CA ILE B 36 13.30 24.45 -5.54
C ILE B 36 12.90 23.63 -4.32
N MET B 37 13.49 22.46 -4.17
CA MET B 37 13.33 21.68 -2.96
C MET B 37 14.66 21.41 -2.32
N MET B 38 14.75 21.66 -1.02
CA MET B 38 15.97 21.37 -0.26
C MET B 38 15.72 20.35 0.83
N ASP B 39 16.67 19.43 0.98
CA ASP B 39 16.57 18.37 1.97
C ASP B 39 17.85 18.49 2.77
N PRO B 40 17.92 19.62 3.58
CA PRO B 40 19.24 19.86 4.15
C PRO B 40 19.75 18.82 5.09
N PRO B 41 21.15 18.66 5.07
CA PRO B 41 21.64 17.74 6.09
C PRO B 41 21.89 18.40 7.44
N TRP B 42 20.87 18.50 8.26
CA TRP B 42 20.96 19.23 9.51
C TRP B 42 21.91 18.52 10.49
N GLN B 43 22.31 19.18 11.57
CA GLN B 43 23.20 18.62 12.59
C GLN B 43 22.46 18.24 13.87
N SER B 59 26.88 16.18 7.42
CA SER B 59 26.16 17.24 8.10
C SER B 59 26.65 18.62 7.68
N LEU B 60 25.75 19.60 7.66
CA LEU B 60 26.08 20.98 7.34
C LEU B 60 25.53 21.89 8.42
N SER B 61 26.35 22.86 8.83
CA SER B 61 25.91 23.84 9.80
C SER B 61 24.76 24.69 9.23
N ASP B 62 24.00 25.31 10.12
CA ASP B 62 22.92 26.17 9.67
C ASP B 62 23.45 27.33 8.85
N GLU B 63 24.66 27.82 9.15
CA GLU B 63 25.24 28.92 8.37
C GLU B 63 25.55 28.44 6.95
N LYS B 64 26.19 27.28 6.84
CA LYS B 64 26.49 26.72 5.52
C LYS B 64 25.23 26.58 4.68
N ILE B 65 24.16 26.05 5.28
CA ILE B 65 22.91 25.86 4.55
C ILE B 65 22.32 27.20 4.16
N GLN B 66 22.37 28.18 5.07
CA GLN B 66 21.85 29.50 4.73
C GLN B 66 22.59 30.11 3.54
N ASN B 67 23.88 29.80 3.40
CA ASN B 67 24.73 30.36 2.35
C ASN B 67 24.50 29.73 0.98
N MET B 68 23.58 28.78 0.84
CA MET B 68 23.28 28.32 -0.50
C MET B 68 22.77 29.49 -1.34
N PRO B 69 23.32 29.73 -2.54
CA PRO B 69 22.86 30.86 -3.33
C PRO B 69 21.50 30.61 -3.95
N ILE B 70 20.46 30.68 -3.13
CA ILE B 70 19.11 30.39 -3.61
C ILE B 70 18.55 31.56 -4.41
N GLN B 71 18.90 32.81 -4.05
CA GLN B 71 18.38 33.96 -4.79
C GLN B 71 18.81 33.92 -6.25
N SER B 72 19.93 33.30 -6.53
CA SER B 72 20.34 33.16 -7.91
C SER B 72 19.71 32.00 -8.65
N LEU B 73 19.24 31.00 -7.90
CA LEU B 73 18.64 29.81 -8.51
C LEU B 73 17.15 29.95 -8.83
N GLN B 74 16.53 31.00 -8.33
CA GLN B 74 15.13 31.19 -8.57
C GLN B 74 14.71 32.64 -8.50
N GLN B 75 13.84 33.05 -9.41
CA GLN B 75 13.31 34.39 -9.44
C GLN B 75 11.83 34.45 -9.18
N ASP B 76 11.14 33.43 -9.63
CA ASP B 76 9.70 33.36 -9.45
C ASP B 76 9.33 31.91 -9.15
N GLY B 77 8.50 31.68 -8.14
CA GLY B 77 8.12 30.32 -7.80
C GLY B 77 8.21 29.96 -6.33
N PHE B 78 8.34 28.68 -6.05
CA PHE B 78 8.20 28.13 -4.71
C PHE B 78 9.50 27.52 -4.24
N ILE B 79 9.72 27.53 -2.92
CA ILE B 79 10.79 26.76 -2.32
C ILE B 79 10.20 25.85 -1.26
N PHE B 80 10.65 24.59 -1.26
CA PHE B 80 10.22 23.57 -0.32
C PHE B 80 11.45 23.17 0.50
N VAL B 81 11.41 23.35 1.81
CA VAL B 81 12.56 22.99 2.63
C VAL B 81 12.11 22.05 3.74
N TRP B 82 12.72 20.87 3.79
CA TRP B 82 12.42 19.90 4.82
C TRP B 82 13.10 20.26 6.12
N ALA B 83 12.35 20.18 7.22
CA ALA B 83 12.91 20.42 8.54
C ALA B 83 12.39 19.40 9.54
N ILE B 84 13.30 18.77 10.27
CA ILE B 84 12.96 18.07 11.50
C ILE B 84 12.42 19.11 12.47
N ASN B 85 11.77 18.65 13.54
CA ASN B 85 11.14 19.60 14.46
C ASN B 85 12.17 20.54 15.08
N ALA B 86 13.36 20.03 15.42
CA ALA B 86 14.37 20.88 16.05
C ALA B 86 14.88 21.97 15.13
N LYS B 87 14.66 21.87 13.82
CA LYS B 87 15.11 22.88 12.87
C LYS B 87 13.96 23.64 12.23
N TYR B 88 12.76 23.55 12.81
CA TYR B 88 11.59 24.17 12.20
C TYR B 88 11.72 25.71 12.12
N ARG B 89 12.06 26.37 13.23
CA ARG B 89 12.23 27.83 13.18
C ARG B 89 13.34 28.32 12.28
N VAL B 90 14.51 27.67 12.35
CA VAL B 90 15.67 27.96 11.52
C VAL B 90 15.19 28.04 10.08
N THR B 91 14.39 27.05 9.68
CA THR B 91 14.01 26.94 8.28
C THR B 91 13.12 28.10 7.85
N ILE B 92 12.16 28.50 8.70
CA ILE B 92 11.34 29.67 8.39
C ILE B 92 12.22 30.90 8.19
N LYS B 93 13.14 31.12 9.12
CA LYS B 93 14.05 32.27 9.05
C LYS B 93 14.93 32.21 7.80
N MET B 94 15.43 31.01 7.46
CA MET B 94 16.24 30.82 6.26
C MET B 94 15.46 31.17 5.00
N ILE B 95 14.19 30.76 4.94
CA ILE B 95 13.36 31.03 3.78
C ILE B 95 13.02 32.52 3.69
N GLU B 96 12.79 33.16 4.84
CA GLU B 96 12.57 34.59 4.85
C GLU B 96 13.81 35.33 4.34
N ASN B 97 15.00 34.94 4.81
CA ASN B 97 16.22 35.63 4.41
C ASN B 97 16.49 35.50 2.92
N TRP B 98 16.19 34.35 2.33
CA TRP B 98 16.36 34.19 0.89
C TRP B 98 15.34 34.99 0.10
N GLY B 99 14.42 35.68 0.78
CA GLY B 99 13.48 36.57 0.13
C GLY B 99 12.08 36.04 -0.10
N TYR B 100 11.72 34.91 0.50
CA TYR B 100 10.44 34.29 0.23
C TYR B 100 9.42 34.68 1.31
N LYS B 101 8.14 34.57 0.96
CA LYS B 101 7.04 34.65 1.90
C LYS B 101 6.51 33.24 2.18
N LEU B 102 6.42 32.86 3.43
CA LEU B 102 5.92 31.55 3.81
C LEU B 102 4.44 31.49 3.62
N VAL B 103 3.98 30.51 2.86
CA VAL B 103 2.58 30.39 2.54
C VAL B 103 1.92 29.02 2.74
N ASP B 104 2.72 27.99 3.00
CA ASP B 104 2.20 26.62 3.11
C ASP B 104 3.13 25.70 3.88
N GLU B 105 2.63 24.52 4.19
CA GLU B 105 3.46 23.52 4.82
C GLU B 105 2.86 22.16 4.51
N ILE B 106 3.74 21.19 4.31
CA ILE B 106 3.34 19.79 4.13
C ILE B 106 3.98 18.99 5.26
N THR B 107 3.25 18.01 5.79
CA THR B 107 3.76 17.15 6.84
C THR B 107 3.90 15.73 6.31
N TRP B 108 5.09 15.16 6.42
CA TRP B 108 5.30 13.73 6.18
C TRP B 108 4.96 13.00 7.46
N VAL B 109 3.82 12.31 7.45
CA VAL B 109 3.34 11.53 8.58
C VAL B 109 3.83 10.10 8.37
N LYS B 110 4.78 9.67 9.19
CA LYS B 110 5.52 8.45 8.93
C LYS B 110 4.86 7.25 9.58
N LYS B 111 5.26 6.06 9.12
CA LYS B 111 4.80 4.82 9.73
C LYS B 111 5.66 4.41 10.91
N THR B 112 6.83 5.02 11.05
CA THR B 112 7.73 4.79 12.17
C THR B 112 7.29 5.61 13.39
N VAL B 113 7.92 5.34 14.54
CA VAL B 113 7.60 6.04 15.79
C VAL B 113 8.87 6.58 16.43
N ASN B 114 8.70 7.47 17.41
CA ASN B 114 9.82 8.10 18.15
C ASN B 114 10.10 7.33 19.44
N GLY B 115 11.07 6.44 19.41
CA GLY B 115 11.50 5.77 20.62
C GLY B 115 10.66 4.54 20.92
N LYS B 116 10.94 3.96 22.07
CA LYS B 116 10.23 2.81 22.56
C LYS B 116 9.31 3.04 23.78
N ILE B 117 9.08 4.28 24.16
CA ILE B 117 8.18 4.60 25.28
C ILE B 117 7.25 5.73 24.90
N ALA B 118 5.97 5.57 25.24
CA ALA B 118 4.97 6.58 24.94
C ALA B 118 5.17 7.81 25.82
N LYS B 119 4.86 8.98 25.24
CA LYS B 119 4.93 10.24 25.96
C LYS B 119 3.97 10.23 27.14
N GLY B 120 4.40 10.82 28.26
CA GLY B 120 3.51 11.03 29.39
C GLY B 120 2.84 9.77 29.90
N HIS B 121 1.55 9.88 30.21
CA HIS B 121 0.80 8.75 30.77
C HIS B 121 0.14 7.88 29.70
N GLY B 122 0.49 8.04 28.44
CA GLY B 122 -0.20 7.33 27.39
C GLY B 122 0.34 5.94 27.14
N PHE B 123 -0.29 5.26 26.19
CA PHE B 123 0.04 3.88 25.85
C PHE B 123 0.62 3.69 24.46
N TYR B 124 0.22 4.51 23.48
CA TYR B 124 0.68 4.33 22.11
C TYR B 124 1.90 5.19 21.83
N LEU B 125 2.84 4.62 21.08
CA LEU B 125 4.08 5.30 20.73
C LEU B 125 3.82 6.50 19.81
N GLN B 126 4.68 7.50 19.90
CA GLN B 126 4.44 8.74 19.17
C GLN B 126 4.91 8.57 17.73
N HIS B 127 4.00 8.81 16.78
CA HIS B 127 4.39 8.72 15.38
C HIS B 127 5.52 9.70 15.08
N ALA B 128 6.39 9.31 14.17
CA ALA B 128 7.43 10.19 13.66
C ALA B 128 6.89 11.05 12.54
N LYS B 129 7.44 12.25 12.40
CA LYS B 129 6.98 13.17 11.36
C LYS B 129 8.11 14.12 10.99
N GLU B 130 7.97 14.74 9.81
CA GLU B 130 8.86 15.79 9.36
C GLU B 130 8.01 16.84 8.66
N SER B 131 8.45 18.10 8.72
CA SER B 131 7.73 19.22 8.14
C SER B 131 8.46 19.72 6.90
N CYS B 132 7.69 20.20 5.93
CA CYS B 132 8.24 20.75 4.71
C CYS B 132 7.67 22.15 4.57
N LEU B 133 8.50 23.16 4.87
CA LEU B 133 8.08 24.55 4.79
C LEU B 133 8.11 25.02 3.34
N ILE B 134 7.10 25.80 2.96
CA ILE B 134 6.88 26.19 1.56
C ILE B 134 6.83 27.72 1.49
N GLY B 135 7.77 28.32 0.76
CA GLY B 135 7.72 29.76 0.51
C GLY B 135 7.49 30.10 -0.96
N VAL B 136 7.11 31.34 -1.26
CA VAL B 136 6.85 31.77 -2.62
C VAL B 136 7.53 33.13 -2.86
N LYS B 137 7.90 33.40 -4.10
CA LYS B 137 8.37 34.73 -4.51
C LYS B 137 8.07 35.01 -5.95
N GLY B 138 8.09 36.29 -6.30
CA GLY B 138 7.83 36.68 -7.67
C GLY B 138 6.42 36.43 -8.19
N ASP B 139 6.30 36.16 -9.47
CA ASP B 139 5.02 36.16 -10.14
C ASP B 139 4.48 34.74 -10.30
N VAL B 140 3.52 34.39 -9.46
CA VAL B 140 2.97 33.05 -9.46
C VAL B 140 1.46 32.98 -9.64
N ASP B 141 0.84 34.03 -10.15
CA ASP B 141 -0.59 33.97 -10.52
C ASP B 141 -0.68 33.94 -12.02
N ASN B 142 0.28 33.25 -12.57
CA ASN B 142 0.14 32.42 -13.73
C ASN B 142 -0.71 31.19 -13.48
N GLY B 143 -1.31 30.72 -14.55
CA GLY B 143 -1.89 29.40 -14.59
C GLY B 143 -0.77 28.37 -14.54
N ARG B 144 0.47 28.84 -14.59
CA ARG B 144 1.65 28.03 -14.53
C ARG B 144 1.61 27.26 -13.22
N PHE B 145 1.17 27.93 -12.17
CA PHE B 145 1.10 27.33 -10.84
C PHE B 145 -0.35 27.09 -10.42
N LYS B 146 -0.62 25.91 -9.89
CA LYS B 146 -1.97 25.46 -9.59
C LYS B 146 -2.28 25.50 -8.12
N LYS B 147 -3.42 26.10 -7.82
CA LYS B 147 -3.86 26.24 -6.46
C LYS B 147 -4.93 25.20 -6.13
N ASN B 148 -5.11 24.94 -4.84
CA ASN B 148 -6.11 24.01 -4.37
C ASN B 148 -5.96 22.58 -4.87
N ILE B 149 -4.76 22.06 -4.71
CA ILE B 149 -4.39 20.74 -5.18
C ILE B 149 -3.98 19.78 -4.07
N ALA B 150 -3.99 18.50 -4.42
CA ALA B 150 -3.32 17.48 -3.66
C ALA B 150 -3.77 17.43 -2.19
N SER B 151 -2.82 17.35 -1.27
CA SER B 151 -3.07 17.30 0.15
C SER B 151 -1.96 17.90 0.98
N ASP B 152 -2.37 18.23 2.18
CA ASP B 152 -1.60 18.76 3.29
C ASP B 152 -0.50 17.80 3.79
N VAL B 153 -0.66 16.52 3.52
CA VAL B 153 0.21 15.52 4.12
C VAL B 153 0.63 14.53 3.04
N ILE B 154 1.77 13.89 3.30
CA ILE B 154 2.31 12.82 2.45
C ILE B 154 2.67 11.63 3.33
N PHE B 155 2.67 10.45 2.71
CA PHE B 155 2.84 9.19 3.42
C PHE B 155 3.97 8.39 2.79
N SER B 156 4.65 7.60 3.61
CA SER B 156 5.63 6.66 3.06
C SER B 156 4.92 5.52 2.34
N GLU B 157 5.57 5.02 1.30
CA GLU B 157 5.12 3.79 0.68
C GLU B 157 5.42 2.55 1.53
N ARG B 158 6.52 2.57 2.28
CA ARG B 158 7.05 1.40 2.96
C ARG B 158 7.57 1.82 4.33
N ARG B 159 7.19 1.09 5.38
CA ARG B 159 7.59 1.51 6.72
C ARG B 159 9.10 1.54 6.88
N GLY B 160 9.63 2.67 7.34
CA GLY B 160 11.05 2.79 7.56
C GLY B 160 11.89 3.12 6.35
N GLN B 161 11.29 3.51 5.23
CA GLN B 161 12.06 3.93 4.07
C GLN B 161 12.88 5.17 4.41
N SER B 162 14.08 5.26 3.82
CA SER B 162 14.94 6.40 4.09
C SER B 162 14.74 7.54 3.09
N GLN B 163 14.35 7.23 1.87
CA GLN B 163 14.13 8.29 0.91
C GLN B 163 12.76 8.92 1.14
N LYS B 164 12.65 10.19 0.76
CA LYS B 164 11.41 10.92 0.88
C LYS B 164 10.31 10.26 0.03
N PRO B 165 9.04 10.49 0.40
CA PRO B 165 7.94 9.84 -0.32
C PRO B 165 7.83 10.33 -1.75
N GLU B 166 7.42 9.43 -2.65
CA GLU B 166 7.16 9.87 -4.01
C GLU B 166 6.05 10.91 -4.06
N GLU B 167 5.16 10.93 -3.07
CA GLU B 167 4.10 11.93 -3.08
C GLU B 167 4.65 13.35 -3.11
N ILE B 168 5.80 13.63 -2.48
CA ILE B 168 6.28 15.01 -2.53
C ILE B 168 6.62 15.40 -3.97
N TYR B 169 7.22 14.48 -4.74
CA TYR B 169 7.52 14.78 -6.14
C TYR B 169 6.23 14.91 -6.96
N GLN B 170 5.23 14.05 -6.70
CA GLN B 170 3.94 14.20 -7.38
C GLN B 170 3.31 15.54 -7.08
N TYR B 171 3.33 15.95 -5.80
CA TYR B 171 2.60 17.13 -5.37
C TYR B 171 3.23 18.42 -5.90
N ILE B 172 4.55 18.42 -6.13
CA ILE B 172 5.19 19.56 -6.78
C ILE B 172 4.92 19.56 -8.27
N ASN B 173 4.89 18.38 -8.87
CA ASN B 173 4.59 18.27 -10.27
C ASN B 173 3.23 18.89 -10.51
N GLN B 174 2.29 18.60 -9.63
CA GLN B 174 0.92 19.11 -9.67
C GLN B 174 0.82 20.61 -9.49
N LEU B 175 1.67 21.15 -8.63
CA LEU B 175 1.77 22.58 -8.41
C LEU B 175 2.24 23.34 -9.65
N CYS B 176 3.15 22.74 -10.40
CA CYS B 176 3.71 23.37 -11.58
C CYS B 176 3.93 22.39 -12.71
N PRO B 177 2.77 22.01 -13.38
CA PRO B 177 2.99 20.94 -14.37
C PRO B 177 4.01 21.38 -15.43
N ASN B 178 4.84 20.46 -15.86
CA ASN B 178 5.72 20.73 -16.98
C ASN B 178 6.75 21.81 -16.68
N GLY B 179 6.91 22.14 -15.41
CA GLY B 179 7.88 23.12 -14.99
C GLY B 179 9.29 22.56 -14.95
N ASN B 180 10.20 23.39 -14.44
CA ASN B 180 11.59 23.05 -14.20
C ASN B 180 11.82 23.03 -12.70
N TYR B 181 12.30 21.90 -12.18
CA TYR B 181 12.47 21.73 -10.75
C TYR B 181 13.93 21.43 -10.42
N LEU B 182 14.36 21.88 -9.27
CA LEU B 182 15.68 21.64 -8.75
C LEU B 182 15.64 21.14 -7.31
N GLU B 183 16.33 20.05 -7.02
CA GLU B 183 16.46 19.56 -5.65
C GLU B 183 17.90 19.61 -5.18
N ILE B 184 18.09 20.08 -3.97
CA ILE B 184 19.38 20.17 -3.36
C ILE B 184 19.42 19.30 -2.12
N PHE B 185 20.45 18.48 -2.02
CA PHE B 185 20.70 17.63 -0.86
C PHE B 185 19.83 16.37 -0.68
N ALA B 186 19.25 15.86 -1.75
CA ALA B 186 18.29 14.78 -1.62
C ALA B 186 18.87 13.62 -0.83
N ARG B 187 18.14 13.24 0.21
CA ARG B 187 18.54 12.15 1.07
C ARG B 187 18.41 10.83 0.33
N ARG B 188 19.27 9.89 0.66
CA ARG B 188 19.42 8.68 -0.14
C ARG B 188 18.45 7.58 0.28
N ASN B 189 18.34 6.56 -0.58
CA ASN B 189 17.55 5.37 -0.34
C ASN B 189 18.51 4.27 0.11
N ASN B 190 18.51 3.95 1.41
CA ASN B 190 19.52 3.02 1.90
C ASN B 190 19.31 1.60 1.38
N LEU B 191 18.19 1.32 0.72
CA LEU B 191 18.09 0.06 -0.01
C LEU B 191 19.22 -0.11 -1.02
N HIS B 192 19.72 1.00 -1.56
CA HIS B 192 20.65 0.97 -2.68
C HIS B 192 22.10 1.11 -2.26
N ASP B 193 22.38 1.11 -0.96
CA ASP B 193 23.75 0.93 -0.51
C ASP B 193 24.27 -0.40 -1.06
N ASN B 194 25.57 -0.47 -1.30
CA ASN B 194 26.23 -1.67 -1.83
C ASN B 194 25.90 -1.95 -3.30
N TRP B 195 25.10 -1.10 -3.94
CA TRP B 195 24.82 -1.22 -5.37
C TRP B 195 25.72 -0.25 -6.12
N VAL B 196 26.31 -0.75 -7.21
CA VAL B 196 26.91 0.09 -8.24
C VAL B 196 25.96 0.08 -9.43
N SER B 197 25.87 1.21 -10.13
CA SER B 197 25.00 1.34 -11.27
C SER B 197 25.82 1.74 -12.50
N ILE B 198 25.39 1.29 -13.66
CA ILE B 198 25.97 1.76 -14.89
C ILE B 198 24.90 1.61 -15.96
N GLY B 199 24.89 2.46 -16.97
CA GLY B 199 23.87 2.39 -18.00
C GLY B 199 22.51 2.94 -17.61
N ASN B 200 22.40 3.65 -16.49
CA ASN B 200 21.14 4.23 -16.02
C ASN B 200 20.39 4.99 -17.10
N GLU B 201 19.12 4.61 -17.32
CA GLU B 201 18.25 5.36 -18.21
C GLU B 201 18.08 6.79 -17.69
N LEU B 202 18.17 7.77 -18.60
CA LEU B 202 17.96 9.16 -18.22
C LEU B 202 16.57 9.62 -18.63
N LEU C 16 -28.68 -24.24 4.93
CA LEU C 16 -29.20 -22.91 4.65
C LEU C 16 -30.56 -22.96 4.01
N ASN C 17 -31.39 -21.97 4.28
CA ASN C 17 -32.74 -21.93 3.73
C ASN C 17 -32.73 -21.01 2.51
N PHE C 18 -32.84 -21.61 1.33
CA PHE C 18 -32.82 -20.85 0.09
C PHE C 18 -34.20 -20.33 -0.31
N GLN C 19 -35.28 -20.96 0.15
CA GLN C 19 -36.60 -20.43 -0.18
C GLN C 19 -36.80 -19.06 0.45
N ALA C 20 -36.45 -18.92 1.73
CA ALA C 20 -36.54 -17.60 2.37
C ALA C 20 -35.69 -16.58 1.66
N LEU C 21 -34.61 -17.03 1.01
CA LEU C 21 -33.75 -16.15 0.25
C LEU C 21 -34.37 -15.77 -1.08
N ILE C 22 -34.85 -16.78 -1.84
CA ILE C 22 -35.36 -16.52 -3.18
C ILE C 22 -36.54 -15.56 -3.13
N ASP C 23 -37.59 -15.93 -2.39
CA ASP C 23 -38.78 -15.10 -2.37
C ASP C 23 -38.55 -13.78 -1.63
N ALA C 24 -37.54 -13.69 -0.77
CA ALA C 24 -37.25 -12.40 -0.16
C ALA C 24 -36.55 -11.45 -1.13
N GLN C 25 -35.69 -11.98 -2.02
CA GLN C 25 -35.08 -11.12 -3.02
C GLN C 25 -36.05 -10.78 -4.15
N MET C 26 -37.03 -11.65 -4.42
CA MET C 26 -37.94 -11.39 -5.53
C MET C 26 -38.90 -10.25 -5.21
N ARG C 27 -39.42 -10.26 -3.99
CA ARG C 27 -40.25 -9.15 -3.55
C ARG C 27 -39.40 -7.90 -3.51
N HIS C 28 -38.13 -8.06 -3.18
CA HIS C 28 -37.23 -6.91 -3.21
C HIS C 28 -36.95 -6.31 -4.60
N ALA C 29 -36.71 -7.13 -5.62
CA ALA C 29 -36.33 -6.60 -6.91
C ALA C 29 -37.04 -7.12 -8.13
N GLY C 30 -37.92 -8.08 -7.94
CA GLY C 30 -38.68 -8.62 -9.05
C GLY C 30 -37.86 -9.57 -9.88
N LYS C 31 -36.61 -9.74 -9.47
CA LYS C 31 -35.55 -10.39 -10.20
C LYS C 31 -34.58 -11.10 -9.24
N MET C 32 -33.91 -12.13 -9.73
CA MET C 32 -32.88 -12.79 -8.94
C MET C 32 -31.49 -12.11 -9.03
N PHE C 33 -30.52 -12.67 -8.34
CA PHE C 33 -29.23 -12.03 -8.23
C PHE C 33 -28.48 -11.86 -9.55
N ASP C 34 -27.84 -10.73 -9.70
CA ASP C 34 -26.95 -10.47 -10.84
C ASP C 34 -25.61 -11.15 -10.70
N VAL C 35 -25.09 -11.26 -9.48
CA VAL C 35 -23.79 -11.87 -9.24
C VAL C 35 -23.90 -12.71 -7.98
N ILE C 36 -23.47 -13.95 -8.08
CA ILE C 36 -23.27 -14.80 -6.91
C ILE C 36 -21.79 -15.07 -6.78
N MET C 37 -21.25 -14.90 -5.59
CA MET C 37 -19.87 -15.28 -5.27
C MET C 37 -19.89 -16.32 -4.18
N MET C 38 -19.17 -17.41 -4.38
CA MET C 38 -19.11 -18.44 -3.36
C MET C 38 -17.67 -18.63 -2.89
N ASP C 39 -17.53 -18.86 -1.60
CA ASP C 39 -16.23 -18.98 -0.96
C ASP C 39 -16.23 -20.30 -0.22
N PRO C 40 -16.23 -21.40 -1.08
CA PRO C 40 -16.55 -22.67 -0.41
C PRO C 40 -15.60 -23.11 0.68
N PRO C 41 -16.24 -23.69 1.79
CA PRO C 41 -15.28 -24.14 2.82
C PRO C 41 -14.76 -25.50 2.45
N TRP C 42 -13.70 -25.48 1.68
CA TRP C 42 -13.16 -26.66 1.07
C TRP C 42 -12.65 -27.64 2.10
N GLN C 43 -12.89 -28.90 1.77
CA GLN C 43 -12.47 -30.01 2.54
C GLN C 43 -11.06 -30.24 2.11
N LEU C 44 -10.16 -29.47 2.68
CA LEU C 44 -8.76 -29.73 2.67
C LEU C 44 -8.72 -30.92 3.56
N SER C 45 -7.89 -31.89 3.26
CA SER C 45 -7.90 -33.10 4.06
C SER C 45 -6.67 -33.11 4.93
N SER C 46 -6.90 -33.25 6.22
CA SER C 46 -5.87 -33.26 7.23
C SER C 46 -6.45 -33.75 8.56
N TYR C 57 -17.09 -30.27 11.47
CA TYR C 57 -16.46 -28.97 11.23
C TYR C 57 -17.24 -28.20 10.20
N ASP C 58 -17.07 -26.88 10.18
CA ASP C 58 -17.76 -26.11 9.19
C ASP C 58 -17.36 -26.45 7.74
N SER C 59 -16.28 -27.21 7.53
CA SER C 59 -15.95 -27.65 6.17
C SER C 59 -16.99 -28.57 5.53
N LEU C 60 -16.96 -28.61 4.22
CA LEU C 60 -17.98 -29.22 3.39
C LEU C 60 -17.30 -30.13 2.37
N SER C 61 -17.81 -31.35 2.21
CA SER C 61 -17.29 -32.22 1.16
C SER C 61 -17.66 -31.69 -0.22
N ASP C 62 -16.91 -32.06 -1.25
CA ASP C 62 -17.08 -31.50 -2.59
C ASP C 62 -18.49 -31.81 -3.05
N GLU C 63 -18.96 -33.02 -2.80
CA GLU C 63 -20.30 -33.38 -3.26
C GLU C 63 -21.37 -32.52 -2.63
N LYS C 64 -21.23 -32.25 -1.36
CA LYS C 64 -22.19 -31.43 -0.64
C LYS C 64 -22.23 -30.02 -1.22
N ILE C 65 -21.07 -29.50 -1.58
CA ILE C 65 -21.01 -28.21 -2.23
C ILE C 65 -21.67 -28.23 -3.59
N GLN C 66 -21.35 -29.23 -4.40
CA GLN C 66 -21.85 -29.29 -5.78
C GLN C 66 -23.35 -29.40 -5.79
N ASN C 67 -23.84 -30.01 -4.73
CA ASN C 67 -25.21 -30.36 -4.51
C ASN C 67 -26.11 -29.22 -4.26
N MET C 68 -25.54 -28.11 -3.87
CA MET C 68 -26.34 -26.98 -3.48
C MET C 68 -27.15 -26.51 -4.67
N PRO C 69 -28.40 -26.02 -4.29
CA PRO C 69 -29.24 -25.64 -5.44
C PRO C 69 -28.97 -24.22 -5.89
N ILE C 70 -27.81 -24.03 -6.48
CA ILE C 70 -27.41 -22.75 -6.99
C ILE C 70 -28.30 -22.24 -8.14
N GLN C 71 -28.81 -23.12 -8.98
CA GLN C 71 -29.59 -22.66 -10.13
C GLN C 71 -30.84 -21.88 -9.74
N SER C 72 -31.39 -22.13 -8.56
CA SER C 72 -32.60 -21.45 -8.13
C SER C 72 -32.34 -20.02 -7.68
N LEU C 73 -31.07 -19.65 -7.52
CA LEU C 73 -30.69 -18.35 -7.00
C LEU C 73 -30.36 -17.34 -8.09
N GLN C 74 -30.32 -17.75 -9.34
CA GLN C 74 -29.92 -16.82 -10.37
C GLN C 74 -30.37 -17.33 -11.72
N GLN C 75 -30.91 -16.41 -12.51
CA GLN C 75 -31.32 -16.72 -13.87
C GLN C 75 -30.48 -16.01 -14.91
N ASP C 76 -30.00 -14.81 -14.62
CA ASP C 76 -29.21 -14.03 -15.56
C ASP C 76 -28.04 -13.40 -14.80
N GLY C 77 -26.83 -13.80 -15.12
CA GLY C 77 -25.67 -13.15 -14.54
C GLY C 77 -24.51 -14.11 -14.38
N PHE C 78 -23.66 -13.78 -13.41
CA PHE C 78 -22.34 -14.35 -13.24
C PHE C 78 -22.26 -15.10 -11.91
N ILE C 79 -21.39 -16.09 -11.86
CA ILE C 79 -21.02 -16.72 -10.60
C ILE C 79 -19.50 -16.63 -10.47
N PHE C 80 -19.04 -16.34 -9.26
CA PHE C 80 -17.63 -16.22 -8.90
C PHE C 80 -17.39 -17.26 -7.80
N VAL C 81 -16.49 -18.22 -8.04
CA VAL C 81 -16.21 -19.27 -7.06
C VAL C 81 -14.72 -19.32 -6.78
N TRP C 82 -14.37 -19.25 -5.50
CA TRP C 82 -12.97 -19.27 -5.07
C TRP C 82 -12.46 -20.70 -4.90
N ALA C 83 -11.28 -20.98 -5.44
CA ALA C 83 -10.70 -22.31 -5.38
C ALA C 83 -9.21 -22.17 -5.08
N ILE C 84 -8.76 -22.80 -3.99
CA ILE C 84 -7.34 -23.05 -3.81
C ILE C 84 -6.87 -23.96 -4.94
N ASN C 85 -5.55 -24.11 -5.07
CA ASN C 85 -4.98 -24.93 -6.14
C ASN C 85 -5.64 -26.31 -6.22
N ALA C 86 -5.77 -27.01 -5.10
CA ALA C 86 -6.23 -28.39 -5.17
C ALA C 86 -7.68 -28.52 -5.58
N LYS C 87 -8.47 -27.45 -5.53
CA LYS C 87 -9.89 -27.54 -5.88
C LYS C 87 -10.22 -26.87 -7.20
N TYR C 88 -9.20 -26.51 -7.99
CA TYR C 88 -9.42 -25.77 -9.22
C TYR C 88 -10.31 -26.54 -10.18
N ARG C 89 -9.99 -27.81 -10.33
CA ARG C 89 -10.76 -28.69 -11.19
C ARG C 89 -12.21 -28.98 -10.77
N VAL C 90 -12.46 -29.37 -9.53
CA VAL C 90 -13.81 -29.61 -9.06
C VAL C 90 -14.62 -28.34 -9.18
N THR C 91 -13.98 -27.17 -9.08
CA THR C 91 -14.72 -25.92 -9.20
C THR C 91 -15.18 -25.68 -10.64
N ILE C 92 -14.31 -25.91 -11.62
CA ILE C 92 -14.73 -25.77 -13.02
C ILE C 92 -15.89 -26.71 -13.31
N LYS C 93 -15.72 -27.98 -12.98
CA LYS C 93 -16.78 -28.94 -13.25
C LYS C 93 -18.05 -28.61 -12.48
N MET C 94 -17.92 -28.04 -11.27
CA MET C 94 -19.15 -27.85 -10.53
C MET C 94 -19.92 -26.63 -10.99
N ILE C 95 -19.26 -25.59 -11.49
CA ILE C 95 -20.07 -24.52 -12.02
C ILE C 95 -20.61 -24.88 -13.41
N GLU C 96 -19.94 -25.77 -14.16
CA GLU C 96 -20.55 -26.24 -15.41
C GLU C 96 -21.82 -27.03 -15.14
N ASN C 97 -21.82 -27.89 -14.12
CA ASN C 97 -23.01 -28.67 -13.80
C ASN C 97 -24.15 -27.80 -13.29
N TRP C 98 -23.83 -26.64 -12.73
CA TRP C 98 -24.86 -25.69 -12.30
C TRP C 98 -25.47 -24.92 -13.45
N GLY C 99 -25.05 -25.17 -14.69
CA GLY C 99 -25.66 -24.51 -15.83
C GLY C 99 -24.90 -23.32 -16.38
N TYR C 100 -23.72 -23.03 -15.83
CA TYR C 100 -22.97 -21.87 -16.30
C TYR C 100 -21.94 -22.31 -17.34
N LYS C 101 -21.54 -21.34 -18.13
CA LYS C 101 -20.44 -21.45 -19.03
C LYS C 101 -19.28 -20.67 -18.45
N LEU C 102 -18.11 -21.26 -18.40
CA LEU C 102 -16.93 -20.57 -17.91
C LEU C 102 -16.52 -19.50 -18.89
N VAL C 103 -16.32 -18.28 -18.42
CA VAL C 103 -15.83 -17.21 -19.28
C VAL C 103 -14.61 -16.42 -18.80
N ASP C 104 -14.24 -16.54 -17.54
CA ASP C 104 -13.17 -15.73 -16.98
C ASP C 104 -12.61 -16.31 -15.69
N GLU C 105 -11.51 -15.71 -15.24
CA GLU C 105 -10.83 -16.09 -14.01
C GLU C 105 -10.13 -14.87 -13.42
N ILE C 106 -10.13 -14.74 -12.10
CA ILE C 106 -9.33 -13.73 -11.42
C ILE C 106 -8.41 -14.45 -10.44
N THR C 107 -7.16 -14.01 -10.36
CA THR C 107 -6.20 -14.59 -9.43
C THR C 107 -5.94 -13.63 -8.27
N TRP C 108 -6.12 -14.11 -7.04
CA TRP C 108 -5.65 -13.34 -5.90
C TRP C 108 -4.17 -13.66 -5.72
N VAL C 109 -3.32 -12.68 -5.99
CA VAL C 109 -1.88 -12.86 -5.85
C VAL C 109 -1.53 -12.31 -4.48
N LYS C 110 -1.15 -13.20 -3.57
CA LYS C 110 -0.99 -12.84 -2.17
C LYS C 110 0.43 -12.36 -1.90
N LYS C 111 0.57 -11.67 -0.76
CA LYS C 111 1.87 -11.26 -0.26
C LYS C 111 2.52 -12.31 0.60
N THR C 112 1.79 -13.35 0.93
CA THR C 112 2.24 -14.53 1.65
C THR C 112 2.94 -15.59 0.75
N VAL C 113 3.52 -16.59 1.39
CA VAL C 113 4.22 -17.64 0.66
C VAL C 113 3.74 -19.00 1.16
N ASN C 114 4.02 -20.04 0.36
CA ASN C 114 3.70 -21.42 0.75
C ASN C 114 4.91 -22.09 1.38
N GLY C 115 4.83 -22.35 2.68
CA GLY C 115 5.87 -23.10 3.37
C GLY C 115 7.13 -22.30 3.61
N LYS C 116 8.12 -22.97 4.19
CA LYS C 116 9.41 -22.38 4.50
C LYS C 116 10.50 -22.80 3.53
N ILE C 117 10.23 -23.69 2.57
CA ILE C 117 11.28 -24.26 1.73
C ILE C 117 10.98 -23.94 0.27
N ALA C 118 11.97 -23.40 -0.42
CA ALA C 118 11.83 -23.11 -1.84
C ALA C 118 11.66 -24.40 -2.63
N LYS C 119 10.87 -24.34 -3.69
CA LYS C 119 10.63 -25.49 -4.54
C LYS C 119 11.78 -25.69 -5.53
N GLY C 120 11.95 -26.94 -5.95
CA GLY C 120 12.96 -27.29 -6.92
C GLY C 120 14.34 -26.83 -6.50
N HIS C 121 15.07 -26.29 -7.46
CA HIS C 121 16.42 -25.79 -7.20
C HIS C 121 16.43 -24.29 -6.89
N GLY C 122 15.28 -23.71 -6.52
CA GLY C 122 15.20 -22.27 -6.38
C GLY C 122 15.66 -21.74 -5.04
N PHE C 123 15.72 -20.41 -4.94
CA PHE C 123 16.06 -19.73 -3.70
C PHE C 123 14.91 -18.95 -3.10
N TYR C 124 13.97 -18.49 -3.93
CA TYR C 124 12.85 -17.68 -3.46
C TYR C 124 11.63 -18.55 -3.19
N LEU C 125 10.94 -18.25 -2.08
CA LEU C 125 9.78 -19.01 -1.67
C LEU C 125 8.61 -18.78 -2.63
N GLN C 126 7.80 -19.82 -2.82
CA GLN C 126 6.68 -19.76 -3.76
C GLN C 126 5.56 -18.86 -3.24
N HIS C 127 5.16 -17.88 -4.04
CA HIS C 127 4.08 -16.99 -3.60
C HIS C 127 2.76 -17.74 -3.53
N ALA C 128 1.91 -17.34 -2.58
CA ALA C 128 0.61 -17.96 -2.43
C ALA C 128 -0.40 -17.24 -3.32
N LYS C 129 -1.40 -17.99 -3.79
CA LYS C 129 -2.41 -17.42 -4.66
C LYS C 129 -3.66 -18.28 -4.55
N GLU C 130 -4.79 -17.69 -4.96
CA GLU C 130 -6.02 -18.47 -5.17
C GLU C 130 -6.67 -18.02 -6.47
N SER C 131 -7.46 -18.90 -7.05
CA SER C 131 -8.19 -18.57 -8.26
C SER C 131 -9.65 -18.31 -7.95
N CYS C 132 -10.25 -17.38 -8.71
CA CYS C 132 -11.68 -17.12 -8.65
C CYS C 132 -12.25 -17.42 -10.02
N LEU C 133 -12.96 -18.52 -10.15
CA LEU C 133 -13.45 -18.93 -11.46
C LEU C 133 -14.79 -18.25 -11.74
N ILE C 134 -14.97 -17.76 -12.96
CA ILE C 134 -16.13 -16.93 -13.28
C ILE C 134 -16.94 -17.59 -14.39
N GLY C 135 -18.20 -17.87 -14.11
CA GLY C 135 -19.10 -18.48 -15.07
C GLY C 135 -20.30 -17.61 -15.31
N VAL C 136 -20.96 -17.83 -16.44
CA VAL C 136 -22.05 -16.97 -16.87
C VAL C 136 -23.24 -17.84 -17.28
N LYS C 137 -24.45 -17.29 -17.10
CA LYS C 137 -25.65 -17.95 -17.57
C LYS C 137 -26.68 -16.89 -17.95
N GLY C 138 -27.52 -17.25 -18.91
CA GLY C 138 -28.58 -16.34 -19.29
C GLY C 138 -28.08 -15.15 -20.08
N ASP C 139 -28.88 -14.10 -20.04
CA ASP C 139 -28.64 -12.91 -20.85
C ASP C 139 -27.78 -11.94 -20.05
N VAL C 140 -26.54 -11.81 -20.45
CA VAL C 140 -25.65 -10.82 -19.87
C VAL C 140 -25.28 -9.75 -20.88
N ASP C 141 -26.09 -9.64 -21.92
CA ASP C 141 -25.84 -8.65 -22.95
C ASP C 141 -26.80 -7.43 -22.98
N ASN C 142 -27.57 -7.21 -21.94
CA ASN C 142 -28.50 -6.06 -21.95
C ASN C 142 -27.83 -4.71 -21.98
N GLY C 143 -26.68 -4.57 -21.33
CA GLY C 143 -26.17 -3.31 -20.81
C GLY C 143 -26.11 -3.17 -19.29
N ARG C 144 -26.70 -4.08 -18.56
CA ARG C 144 -26.53 -4.16 -17.11
C ARG C 144 -25.10 -4.46 -16.68
N PHE C 145 -24.45 -5.32 -17.45
CA PHE C 145 -23.13 -5.84 -17.17
C PHE C 145 -22.07 -5.16 -18.03
N LYS C 146 -20.98 -4.74 -17.42
CA LYS C 146 -19.94 -4.01 -18.11
C LYS C 146 -18.75 -4.90 -18.42
N LYS C 147 -18.20 -4.75 -19.62
CA LYS C 147 -17.14 -5.59 -20.13
C LYS C 147 -15.87 -4.78 -20.38
N ASN C 148 -14.73 -5.44 -20.46
CA ASN C 148 -13.44 -4.77 -20.56
C ASN C 148 -13.07 -3.83 -19.41
N ILE C 149 -13.09 -4.37 -18.19
CA ILE C 149 -12.96 -3.59 -16.98
C ILE C 149 -11.88 -4.13 -16.02
N ALA C 150 -11.35 -3.23 -15.21
CA ALA C 150 -10.56 -3.58 -14.08
C ALA C 150 -9.36 -4.42 -14.47
N SER C 151 -9.14 -5.53 -13.79
CA SER C 151 -7.95 -6.35 -14.01
C SER C 151 -8.26 -7.78 -13.55
N ASP C 152 -7.48 -8.74 -14.03
CA ASP C 152 -7.74 -10.14 -13.71
C ASP C 152 -6.82 -10.65 -12.61
N VAL C 153 -6.15 -9.77 -11.89
CA VAL C 153 -5.56 -10.10 -10.59
C VAL C 153 -6.05 -9.09 -9.57
N ILE C 154 -6.09 -9.54 -8.32
CA ILE C 154 -6.38 -8.70 -7.17
C ILE C 154 -5.29 -8.96 -6.14
N PHE C 155 -5.14 -7.99 -5.24
CA PHE C 155 -4.06 -7.99 -4.26
C PHE C 155 -4.61 -7.80 -2.85
N SER C 156 -3.89 -8.37 -1.88
CA SER C 156 -4.15 -8.09 -0.48
C SER C 156 -3.83 -6.64 -0.15
N GLU C 157 -4.59 -6.08 0.79
CA GLU C 157 -4.26 -4.78 1.35
C GLU C 157 -3.22 -4.91 2.45
N ARG C 158 -3.15 -6.06 3.13
CA ARG C 158 -2.25 -6.24 4.25
C ARG C 158 -1.76 -7.69 4.24
N ARG C 159 -0.45 -7.89 4.40
CA ARG C 159 0.10 -9.24 4.29
C ARG C 159 -0.51 -10.16 5.36
N GLY C 160 -0.90 -11.37 4.94
CA GLY C 160 -1.51 -12.32 5.84
C GLY C 160 -2.96 -12.06 6.20
N GLN C 161 -3.61 -11.07 5.57
CA GLN C 161 -5.01 -10.80 5.89
C GLN C 161 -5.84 -12.04 5.60
N SER C 162 -6.83 -12.31 6.44
CA SER C 162 -7.61 -13.53 6.19
C SER C 162 -8.82 -13.29 5.32
N GLN C 163 -9.46 -12.11 5.39
CA GLN C 163 -10.59 -11.87 4.52
C GLN C 163 -10.13 -11.63 3.08
N LYS C 164 -11.05 -11.84 2.13
CA LYS C 164 -10.70 -11.64 0.72
C LYS C 164 -10.46 -10.17 0.45
N PRO C 165 -9.68 -9.86 -0.59
CA PRO C 165 -9.34 -8.46 -0.87
C PRO C 165 -10.58 -7.62 -1.19
N GLU C 166 -10.54 -6.35 -0.78
CA GLU C 166 -11.61 -5.42 -1.15
C GLU C 166 -11.75 -5.32 -2.66
N GLU C 167 -10.67 -5.60 -3.40
CA GLU C 167 -10.71 -5.45 -4.85
C GLU C 167 -11.71 -6.41 -5.51
N ILE C 168 -11.97 -7.58 -4.91
CA ILE C 168 -12.95 -8.45 -5.57
C ILE C 168 -14.33 -7.83 -5.50
N TYR C 169 -14.63 -7.19 -4.35
CA TYR C 169 -15.90 -6.50 -4.23
C TYR C 169 -15.97 -5.30 -5.15
N GLN C 170 -14.90 -4.51 -5.22
CA GLN C 170 -14.84 -3.41 -6.16
C GLN C 170 -15.04 -3.89 -7.59
N TYR C 171 -14.35 -4.98 -7.99
CA TYR C 171 -14.42 -5.45 -9.37
C TYR C 171 -15.76 -6.07 -9.69
N ILE C 172 -16.47 -6.56 -8.69
CA ILE C 172 -17.82 -7.04 -8.95
C ILE C 172 -18.80 -5.87 -9.11
N ASN C 173 -18.62 -4.81 -8.31
CA ASN C 173 -19.41 -3.58 -8.48
C ASN C 173 -19.20 -2.97 -9.87
N GLN C 174 -17.95 -3.01 -10.37
CA GLN C 174 -17.69 -2.51 -11.72
C GLN C 174 -18.36 -3.36 -12.79
N LEU C 175 -18.47 -4.67 -12.55
CA LEU C 175 -19.10 -5.59 -13.49
C LEU C 175 -20.59 -5.31 -13.64
N CYS C 176 -21.27 -5.03 -12.54
CA CYS C 176 -22.71 -4.78 -12.58
C CYS C 176 -23.03 -3.66 -11.60
N PRO C 177 -22.88 -2.41 -12.04
CA PRO C 177 -23.03 -1.29 -11.11
C PRO C 177 -24.45 -1.19 -10.57
N ASN C 178 -24.54 -0.98 -9.25
CA ASN C 178 -25.82 -0.86 -8.55
C ASN C 178 -26.68 -2.11 -8.71
N GLY C 179 -26.04 -3.28 -8.85
CA GLY C 179 -26.74 -4.54 -8.99
C GLY C 179 -27.12 -5.17 -7.65
N ASN C 180 -27.61 -6.41 -7.74
CA ASN C 180 -27.94 -7.22 -6.58
C ASN C 180 -27.00 -8.42 -6.52
N TYR C 181 -26.29 -8.54 -5.41
CA TYR C 181 -25.23 -9.54 -5.26
C TYR C 181 -25.50 -10.42 -4.05
N LEU C 182 -25.13 -11.69 -4.18
CA LEU C 182 -25.21 -12.64 -3.08
C LEU C 182 -23.84 -13.26 -2.89
N GLU C 183 -23.35 -13.31 -1.67
CA GLU C 183 -22.17 -14.10 -1.35
C GLU C 183 -22.56 -15.22 -0.40
N ILE C 184 -21.96 -16.38 -0.63
CA ILE C 184 -22.18 -17.55 0.19
C ILE C 184 -20.87 -18.06 0.80
N PHE C 185 -20.84 -18.30 2.11
CA PHE C 185 -19.68 -18.82 2.83
C PHE C 185 -18.50 -17.87 2.98
N ALA C 186 -18.75 -16.57 2.98
CA ALA C 186 -17.66 -15.62 3.03
C ALA C 186 -16.74 -15.91 4.19
N ARG C 187 -15.44 -15.99 3.91
CA ARG C 187 -14.44 -16.27 4.91
C ARG C 187 -14.28 -15.05 5.81
N ARG C 188 -13.95 -15.25 7.09
CA ARG C 188 -13.97 -14.18 8.08
C ARG C 188 -12.66 -13.39 8.11
N ASN C 189 -12.74 -12.24 8.79
CA ASN C 189 -11.59 -11.39 9.08
C ASN C 189 -11.12 -11.73 10.51
N ASN C 190 -9.97 -12.41 10.62
CA ASN C 190 -9.56 -12.89 11.93
C ASN C 190 -9.14 -11.76 12.86
N LEU C 191 -8.87 -10.57 12.33
CA LEU C 191 -8.64 -9.41 13.19
C LEU C 191 -9.83 -9.16 14.12
N HIS C 192 -11.03 -9.47 13.66
CA HIS C 192 -12.25 -9.19 14.39
C HIS C 192 -12.67 -10.36 15.28
N ASP C 193 -11.84 -11.39 15.40
CA ASP C 193 -12.12 -12.40 16.42
C ASP C 193 -12.19 -11.71 17.78
N ASN C 194 -13.05 -12.21 18.66
CA ASN C 194 -13.21 -11.67 20.01
C ASN C 194 -13.83 -10.27 20.01
N TRP C 195 -14.39 -9.79 18.90
CA TRP C 195 -15.15 -8.56 18.90
C TRP C 195 -16.63 -8.90 18.91
N VAL C 196 -17.36 -8.28 19.82
CA VAL C 196 -18.80 -8.22 19.73
C VAL C 196 -19.16 -6.83 19.22
N SER C 197 -20.23 -6.72 18.42
CA SER C 197 -20.65 -5.41 17.92
C SER C 197 -22.16 -5.26 17.92
N ILE C 198 -22.64 -4.11 18.40
CA ILE C 198 -24.07 -3.75 18.40
C ILE C 198 -24.25 -2.44 17.65
N GLY C 199 -25.44 -2.27 17.07
CA GLY C 199 -25.78 -1.02 16.43
C GLY C 199 -25.00 -0.72 15.16
N ASN C 200 -24.41 -1.73 14.52
CA ASN C 200 -23.71 -1.52 13.26
C ASN C 200 -24.58 -0.75 12.29
N GLU C 201 -23.96 0.17 11.57
CA GLU C 201 -24.63 0.86 10.50
C GLU C 201 -24.88 -0.29 9.56
N LEU C 202 -26.14 -0.58 9.31
CA LEU C 202 -26.50 -1.65 8.42
C LEU C 202 -26.64 -1.18 6.98
N THR D 14 -31.28 3.89 19.11
CA THR D 14 -30.31 3.76 20.17
C THR D 14 -30.75 2.82 21.27
N LYS D 15 -31.98 2.32 21.19
CA LYS D 15 -32.51 1.54 22.29
C LYS D 15 -32.01 0.14 22.11
N LEU D 16 -30.70 -0.02 22.29
CA LEU D 16 -30.04 -1.29 22.11
C LEU D 16 -30.35 -2.25 23.26
N ASN D 17 -30.37 -3.54 23.00
CA ASN D 17 -30.55 -4.50 24.08
C ASN D 17 -29.24 -4.91 24.71
N PHE D 18 -28.77 -4.07 25.62
CA PHE D 18 -27.54 -4.30 26.37
C PHE D 18 -27.54 -5.51 27.33
N GLN D 19 -28.63 -5.75 28.04
CA GLN D 19 -28.66 -6.88 28.99
C GLN D 19 -28.49 -8.19 28.27
N ALA D 20 -29.09 -8.25 27.10
CA ALA D 20 -29.00 -9.41 26.25
C ALA D 20 -27.56 -9.63 25.86
N LEU D 21 -26.73 -8.60 25.98
CA LEU D 21 -25.31 -8.70 25.76
C LEU D 21 -24.45 -8.79 27.02
N ILE D 22 -24.92 -8.19 28.09
CA ILE D 22 -24.22 -8.29 29.33
C ILE D 22 -24.20 -9.76 29.78
N ASP D 23 -25.34 -10.41 29.67
CA ASP D 23 -25.44 -11.79 30.10
C ASP D 23 -24.55 -12.66 29.27
N ALA D 24 -24.56 -12.46 27.97
CA ALA D 24 -23.74 -13.29 27.11
C ALA D 24 -22.28 -13.09 27.42
N GLN D 25 -21.89 -11.83 27.63
CA GLN D 25 -20.51 -11.59 27.96
C GLN D 25 -20.16 -12.21 29.30
N MET D 26 -21.06 -12.20 30.26
CA MET D 26 -20.62 -12.75 31.54
C MET D 26 -20.52 -14.27 31.51
N ARG D 27 -21.53 -14.94 30.94
CA ARG D 27 -21.57 -16.41 30.96
C ARG D 27 -20.29 -16.99 30.38
N HIS D 28 -19.73 -16.32 29.37
CA HIS D 28 -18.50 -16.77 28.74
C HIS D 28 -17.29 -16.45 29.61
N ALA D 29 -17.16 -15.19 30.04
CA ALA D 29 -15.91 -14.73 30.62
C ALA D 29 -15.96 -14.49 32.12
N GLY D 30 -17.15 -14.32 32.71
CA GLY D 30 -17.24 -13.78 34.06
C GLY D 30 -16.73 -12.37 34.16
N LYS D 31 -16.47 -11.74 33.02
CA LYS D 31 -15.69 -10.54 32.85
C LYS D 31 -16.52 -9.55 32.03
N MET D 32 -16.53 -8.29 32.44
CA MET D 32 -17.04 -7.32 31.48
C MET D 32 -15.90 -6.98 30.50
N PHE D 33 -16.20 -6.14 29.53
CA PHE D 33 -15.30 -5.99 28.39
C PHE D 33 -13.97 -5.34 28.79
N ASP D 34 -12.91 -5.75 28.10
CA ASP D 34 -11.59 -5.15 28.26
C ASP D 34 -11.50 -3.82 27.54
N VAL D 35 -12.08 -3.73 26.35
CA VAL D 35 -11.99 -2.55 25.51
C VAL D 35 -13.36 -2.34 24.89
N ILE D 36 -13.85 -1.10 24.92
CA ILE D 36 -15.07 -0.72 24.22
C ILE D 36 -14.68 0.32 23.18
N MET D 37 -15.20 0.18 21.95
CA MET D 37 -15.02 1.20 20.93
C MET D 37 -16.38 1.71 20.48
N MET D 38 -16.55 3.02 20.51
CA MET D 38 -17.77 3.63 20.01
C MET D 38 -17.45 4.48 18.79
N ASP D 39 -18.36 4.43 17.83
CA ASP D 39 -18.24 5.14 16.57
C ASP D 39 -19.55 5.93 16.42
N PRO D 40 -19.76 6.96 17.25
CA PRO D 40 -21.12 7.52 17.38
C PRO D 40 -21.59 8.16 16.09
N PRO D 41 -22.88 8.01 15.77
CA PRO D 41 -23.47 8.66 14.58
C PRO D 41 -23.79 10.12 14.86
N TRP D 42 -22.73 10.93 14.84
CA TRP D 42 -22.81 12.34 15.23
C TRP D 42 -23.81 13.12 14.38
N GLN D 43 -24.52 14.05 15.01
CA GLN D 43 -25.47 14.94 14.33
C GLN D 43 -24.83 16.03 13.45
N SER D 59 -29.03 9.84 12.76
CA SER D 59 -28.14 10.58 13.66
C SER D 59 -28.66 10.55 15.10
N LEU D 60 -27.77 10.77 16.05
CA LEU D 60 -28.12 10.88 17.46
C LEU D 60 -27.61 12.19 17.99
N SER D 61 -28.41 12.86 18.82
CA SER D 61 -27.98 14.09 19.48
C SER D 61 -26.90 13.74 20.47
N ASP D 62 -26.08 14.71 20.84
CA ASP D 62 -25.01 14.47 21.77
C ASP D 62 -25.62 13.92 23.04
N GLU D 63 -26.76 14.46 23.43
CA GLU D 63 -27.39 14.03 24.67
C GLU D 63 -27.78 12.58 24.69
N LYS D 64 -28.32 12.10 23.58
CA LYS D 64 -28.76 10.73 23.50
C LYS D 64 -27.56 9.79 23.65
N ILE D 65 -26.46 10.14 23.00
CA ILE D 65 -25.24 9.36 23.07
C ILE D 65 -24.65 9.32 24.45
N GLN D 66 -24.58 10.47 25.09
CA GLN D 66 -23.98 10.64 26.41
C GLN D 66 -24.73 9.82 27.44
N ASN D 67 -26.02 9.71 27.21
CA ASN D 67 -26.98 9.10 28.12
C ASN D 67 -26.98 7.61 28.09
N MET D 68 -26.19 7.05 27.19
CA MET D 68 -26.13 5.62 27.09
C MET D 68 -25.51 5.02 28.33
N PRO D 69 -26.03 3.77 28.65
CA PRO D 69 -25.48 3.23 29.90
C PRO D 69 -24.16 2.49 29.73
N ILE D 70 -23.10 3.21 29.40
CA ILE D 70 -21.77 2.65 29.21
C ILE D 70 -21.14 2.04 30.47
N GLN D 71 -21.41 2.67 31.60
CA GLN D 71 -20.82 2.26 32.83
C GLN D 71 -21.16 0.81 33.18
N SER D 72 -22.30 0.33 32.73
CA SER D 72 -22.63 -1.09 32.85
C SER D 72 -21.81 -2.08 32.02
N LEU D 73 -21.34 -1.65 30.87
CA LEU D 73 -20.57 -2.49 29.96
C LEU D 73 -19.17 -2.88 30.38
N GLN D 74 -18.56 -2.06 31.19
CA GLN D 74 -17.19 -2.25 31.53
C GLN D 74 -16.91 -1.72 32.89
N GLN D 75 -16.00 -2.37 33.58
CA GLN D 75 -15.47 -1.80 34.79
C GLN D 75 -13.97 -1.84 34.92
N ASP D 76 -13.30 -2.56 34.04
CA ASP D 76 -11.87 -2.47 33.95
C ASP D 76 -11.39 -2.52 32.53
N GLY D 77 -10.73 -1.45 32.11
CA GLY D 77 -10.32 -1.36 30.73
C GLY D 77 -10.37 0.02 30.14
N PHE D 78 -10.37 0.04 28.81
CA PHE D 78 -10.23 1.23 28.03
C PHE D 78 -11.50 1.45 27.22
N ILE D 79 -11.76 2.70 26.90
CA ILE D 79 -12.80 3.09 25.95
C ILE D 79 -12.14 3.93 24.86
N PHE D 80 -12.50 3.65 23.60
CA PHE D 80 -12.02 4.37 22.43
C PHE D 80 -13.24 4.98 21.78
N VAL D 81 -13.24 6.30 21.56
CA VAL D 81 -14.42 6.97 20.99
C VAL D 81 -14.00 7.82 19.82
N TRP D 82 -14.57 7.54 18.65
CA TRP D 82 -14.28 8.31 17.46
C TRP D 82 -15.00 9.68 17.42
N ALA D 83 -14.23 10.71 17.15
CA ALA D 83 -14.73 12.03 17.02
C ALA D 83 -14.19 12.80 15.82
N ILE D 84 -15.10 13.33 15.05
CA ILE D 84 -14.76 14.32 14.06
C ILE D 84 -14.39 15.59 14.82
N ASN D 85 -13.79 16.56 14.16
CA ASN D 85 -13.29 17.74 14.83
C ASN D 85 -14.36 18.51 15.61
N ALA D 86 -15.53 18.66 15.04
CA ALA D 86 -16.64 19.38 15.65
C ALA D 86 -17.14 18.74 16.92
N LYS D 87 -17.00 17.42 16.96
CA LYS D 87 -17.38 16.69 18.15
C LYS D 87 -16.27 16.37 19.16
N TYR D 88 -15.10 16.96 19.00
CA TYR D 88 -13.99 16.65 19.88
C TYR D 88 -14.17 17.02 21.38
N ARG D 89 -14.60 18.24 21.69
CA ARG D 89 -14.74 18.62 23.09
C ARG D 89 -15.80 17.79 23.75
N VAL D 90 -16.90 17.56 23.05
CA VAL D 90 -18.00 16.84 23.64
C VAL D 90 -17.65 15.40 23.98
N THR D 91 -16.89 14.78 23.09
CA THR D 91 -16.42 13.42 23.33
C THR D 91 -15.57 13.33 24.59
N ILE D 92 -14.68 14.31 24.83
CA ILE D 92 -13.87 14.28 26.05
C ILE D 92 -14.78 14.34 27.27
N LYS D 93 -15.72 15.30 27.29
CA LYS D 93 -16.62 15.43 28.43
C LYS D 93 -17.52 14.20 28.58
N MET D 94 -17.93 13.56 27.48
CA MET D 94 -18.68 12.32 27.58
C MET D 94 -17.88 11.24 28.29
N ILE D 95 -16.61 11.07 27.91
CA ILE D 95 -15.80 10.00 28.47
C ILE D 95 -15.58 10.21 29.96
N GLU D 96 -15.37 11.47 30.37
CA GLU D 96 -15.22 11.76 31.80
C GLU D 96 -16.52 11.48 32.54
N ASN D 97 -17.65 11.92 31.99
CA ASN D 97 -18.94 11.72 32.64
C ASN D 97 -19.34 10.25 32.71
N TRP D 98 -18.71 9.38 31.91
CA TRP D 98 -18.90 7.95 32.06
C TRP D 98 -17.97 7.35 33.10
N GLY D 99 -17.08 8.14 33.70
CA GLY D 99 -16.16 7.65 34.71
C GLY D 99 -14.75 7.32 34.26
N TYR D 100 -14.34 7.74 33.07
CA TYR D 100 -13.01 7.37 32.59
C TYR D 100 -12.06 8.54 32.79
N LYS D 101 -10.78 8.21 32.97
CA LYS D 101 -9.71 9.20 32.92
C LYS D 101 -9.13 9.18 31.51
N LEU D 102 -9.04 10.33 30.87
CA LEU D 102 -8.45 10.40 29.55
C LEU D 102 -6.95 10.16 29.60
N VAL D 103 -6.50 9.24 28.74
CA VAL D 103 -5.12 8.86 28.75
C VAL D 103 -4.38 8.94 27.45
N ASP D 104 -5.10 8.94 26.33
CA ASP D 104 -4.46 8.82 25.03
C ASP D 104 -5.38 9.26 23.89
N GLU D 105 -4.81 9.31 22.70
CA GLU D 105 -5.53 9.65 21.50
C GLU D 105 -4.83 9.04 20.29
N ILE D 106 -5.60 8.65 19.30
CA ILE D 106 -5.08 8.16 18.05
C ILE D 106 -5.75 8.99 16.99
N THR D 107 -5.00 9.42 16.01
CA THR D 107 -5.53 10.16 14.88
C THR D 107 -5.56 9.29 13.64
N TRP D 108 -6.71 9.22 13.00
CA TRP D 108 -6.79 8.65 11.66
C TRP D 108 -6.46 9.77 10.71
N VAL D 109 -5.30 9.66 10.05
CA VAL D 109 -4.86 10.60 9.03
C VAL D 109 -5.26 9.99 7.70
N LYS D 110 -6.19 10.64 7.00
CA LYS D 110 -6.83 10.06 5.84
C LYS D 110 -6.09 10.47 4.58
N LYS D 111 -6.42 9.78 3.49
CA LYS D 111 -5.87 10.10 2.19
C LYS D 111 -6.74 11.10 1.44
N THR D 112 -7.91 11.44 1.99
CA THR D 112 -8.83 12.42 1.44
C THR D 112 -8.56 13.80 2.02
N VAL D 113 -9.28 14.80 1.51
CA VAL D 113 -9.12 16.19 1.93
C VAL D 113 -10.48 16.80 2.20
N ASN D 114 -10.46 17.94 2.89
CA ASN D 114 -11.69 18.64 3.25
C ASN D 114 -12.02 19.66 2.18
N GLY D 115 -12.90 19.30 1.25
CA GLY D 115 -13.40 20.27 0.30
C GLY D 115 -12.50 20.47 -0.91
N LYS D 116 -12.66 21.63 -1.55
CA LYS D 116 -11.92 21.93 -2.76
C LYS D 116 -11.07 23.19 -2.70
N ILE D 117 -11.07 23.93 -1.59
CA ILE D 117 -10.37 25.21 -1.50
C ILE D 117 -9.36 25.13 -0.37
N ALA D 118 -8.12 25.55 -0.64
CA ALA D 118 -7.09 25.57 0.40
C ALA D 118 -7.37 26.68 1.41
N LYS D 119 -7.07 26.44 2.67
CA LYS D 119 -7.30 27.46 3.68
C LYS D 119 -6.25 28.55 3.66
N GLY D 120 -6.66 29.73 4.04
CA GLY D 120 -5.74 30.86 4.08
C GLY D 120 -5.15 31.16 2.72
N HIS D 121 -3.86 31.39 2.73
CA HIS D 121 -3.07 31.74 1.56
C HIS D 121 -2.39 30.54 0.90
N GLY D 122 -2.72 29.34 1.33
CA GLY D 122 -1.98 28.17 0.91
C GLY D 122 -2.43 27.61 -0.43
N PHE D 123 -1.71 26.57 -0.87
CA PHE D 123 -1.96 25.95 -2.15
C PHE D 123 -2.44 24.51 -2.04
N TYR D 124 -2.08 23.82 -0.98
CA TYR D 124 -2.43 22.42 -0.81
C TYR D 124 -3.67 22.27 0.06
N LEU D 125 -4.56 21.38 -0.36
CA LEU D 125 -5.84 21.18 0.32
C LEU D 125 -5.61 20.52 1.68
N GLN D 126 -6.45 20.88 2.63
CA GLN D 126 -6.31 20.38 4.00
C GLN D 126 -6.67 18.91 4.08
N HIS D 127 -5.77 18.11 4.62
CA HIS D 127 -6.00 16.67 4.73
C HIS D 127 -7.13 16.37 5.74
N ALA D 128 -7.84 15.28 5.51
CA ALA D 128 -8.94 14.90 6.41
C ALA D 128 -8.39 14.00 7.52
N LYS D 129 -9.04 14.09 8.69
CA LYS D 129 -8.59 13.37 9.88
C LYS D 129 -9.76 13.18 10.83
N GLU D 130 -9.66 12.16 11.69
CA GLU D 130 -10.55 11.99 12.84
C GLU D 130 -9.71 11.63 14.05
N SER D 131 -10.22 11.96 15.23
CA SER D 131 -9.57 11.63 16.50
C SER D 131 -10.28 10.47 17.17
N CYS D 132 -9.51 9.64 17.84
CA CYS D 132 -10.08 8.55 18.60
C CYS D 132 -9.63 8.75 20.04
N LEU D 133 -10.52 9.22 20.92
CA LEU D 133 -10.16 9.54 22.29
C LEU D 133 -10.14 8.27 23.14
N ILE D 134 -9.13 8.14 23.98
CA ILE D 134 -8.93 6.92 24.75
C ILE D 134 -8.93 7.25 26.24
N GLY D 135 -9.88 6.66 26.97
CA GLY D 135 -9.95 6.82 28.40
C GLY D 135 -9.82 5.48 29.07
N VAL D 136 -9.43 5.48 30.33
CA VAL D 136 -9.17 4.24 31.05
C VAL D 136 -9.92 4.26 32.37
N LYS D 137 -10.28 3.07 32.85
CA LYS D 137 -11.11 2.94 34.03
C LYS D 137 -10.74 1.64 34.75
N GLY D 138 -10.43 1.75 36.04
CA GLY D 138 -10.19 0.57 36.84
C GLY D 138 -8.75 0.09 36.80
N ASP D 139 -8.57 -1.21 36.89
CA ASP D 139 -7.24 -1.75 36.98
C ASP D 139 -6.76 -2.20 35.64
N VAL D 140 -5.80 -1.48 35.10
CA VAL D 140 -5.20 -1.79 33.84
C VAL D 140 -3.72 -2.03 33.93
N ASP D 141 -3.18 -2.14 35.14
CA ASP D 141 -1.76 -2.40 35.30
C ASP D 141 -1.44 -3.81 35.81
N ASN D 142 -2.28 -4.76 35.47
CA ASN D 142 -1.87 -6.15 35.42
C ASN D 142 -1.14 -6.37 34.09
N GLY D 143 -0.82 -7.61 33.82
CA GLY D 143 -0.27 -8.00 32.55
C GLY D 143 -1.26 -7.91 31.43
N ARG D 144 -2.54 -7.78 31.73
CA ARG D 144 -3.54 -7.92 30.68
C ARG D 144 -3.40 -6.91 29.53
N PHE D 145 -3.21 -5.65 29.84
CA PHE D 145 -3.05 -4.58 28.87
C PHE D 145 -1.58 -4.23 28.74
N LYS D 146 -1.10 -4.07 27.51
CA LYS D 146 0.28 -3.80 27.21
C LYS D 146 0.52 -2.31 26.94
N LYS D 147 1.70 -1.82 27.32
CA LYS D 147 2.02 -0.40 27.27
C LYS D 147 3.14 -0.17 26.26
N ASN D 148 3.30 1.04 25.78
CA ASN D 148 4.33 1.39 24.80
C ASN D 148 4.36 0.60 23.49
N ILE D 149 3.25 0.68 22.76
CA ILE D 149 3.01 -0.14 21.59
C ILE D 149 2.53 0.63 20.38
N ALA D 150 2.76 0.05 19.21
CA ALA D 150 2.14 0.49 17.99
C ALA D 150 2.44 1.97 17.73
N SER D 151 1.41 2.78 17.48
CA SER D 151 1.67 4.14 17.05
C SER D 151 0.43 5.00 17.31
N ASP D 152 0.68 6.31 17.44
CA ASP D 152 -0.23 7.44 17.65
C ASP D 152 -1.19 7.67 16.49
N VAL D 153 -0.93 7.07 15.33
CA VAL D 153 -1.60 7.43 14.10
C VAL D 153 -1.97 6.17 13.34
N ILE D 154 -3.15 6.19 12.69
CA ILE D 154 -3.53 5.09 11.82
C ILE D 154 -3.89 5.65 10.46
N PHE D 155 -3.80 4.78 9.44
CA PHE D 155 -3.96 5.17 8.04
C PHE D 155 -4.99 4.30 7.33
N SER D 156 -5.61 4.85 6.29
CA SER D 156 -6.52 4.05 5.48
C SER D 156 -5.74 3.11 4.57
N GLU D 157 -6.32 1.95 4.28
CA GLU D 157 -5.80 1.11 3.22
C GLU D 157 -6.06 1.65 1.80
N ARG D 158 -7.20 2.29 1.63
CA ARG D 158 -7.69 2.71 0.32
C ARG D 158 -8.34 4.08 0.43
N ARG D 159 -8.00 4.99 -0.46
CA ARG D 159 -8.46 6.36 -0.32
C ARG D 159 -9.97 6.45 -0.43
N GLY D 160 -10.59 7.15 0.52
CA GLY D 160 -12.02 7.31 0.52
C GLY D 160 -12.79 6.12 1.05
N GLN D 161 -12.13 5.12 1.62
CA GLN D 161 -12.87 4.00 2.21
C GLN D 161 -13.83 4.53 3.25
N SER D 162 -15.01 3.94 3.33
CA SER D 162 -15.95 4.37 4.36
C SER D 162 -15.63 3.77 5.73
N GLN D 163 -15.28 2.49 5.79
CA GLN D 163 -15.08 1.84 7.08
C GLN D 163 -13.78 2.31 7.72
N LYS D 164 -13.68 2.11 9.03
CA LYS D 164 -12.49 2.54 9.75
C LYS D 164 -11.29 1.66 9.38
N PRO D 165 -10.07 2.16 9.56
CA PRO D 165 -8.90 1.39 9.15
C PRO D 165 -8.72 0.12 9.95
N GLU D 166 -8.19 -0.90 9.28
CA GLU D 166 -7.90 -2.14 9.97
C GLU D 166 -6.92 -1.92 11.12
N GLU D 167 -6.09 -0.87 11.04
CA GLU D 167 -5.10 -0.64 12.08
C GLU D 167 -5.73 -0.35 13.44
N ILE D 168 -6.93 0.23 13.50
CA ILE D 168 -7.50 0.44 14.83
C ILE D 168 -7.80 -0.90 15.50
N TYR D 169 -8.30 -1.88 14.74
CA TYR D 169 -8.54 -3.19 15.34
C TYR D 169 -7.23 -3.88 15.69
N GLN D 170 -6.23 -3.82 14.80
CA GLN D 170 -4.91 -4.34 15.13
C GLN D 170 -4.38 -3.72 16.41
N TYR D 171 -4.48 -2.40 16.53
CA TYR D 171 -3.85 -1.73 17.66
C TYR D 171 -4.59 -1.99 18.97
N ILE D 172 -5.88 -2.28 18.89
CA ILE D 172 -6.64 -2.64 20.09
C ILE D 172 -6.29 -4.06 20.51
N ASN D 173 -6.17 -5.00 19.55
CA ASN D 173 -5.66 -6.34 19.86
C ASN D 173 -4.28 -6.26 20.53
N GLN D 174 -3.39 -5.39 20.03
CA GLN D 174 -2.08 -5.25 20.66
C GLN D 174 -2.19 -4.74 22.09
N LEU D 175 -3.17 -3.86 22.36
CA LEU D 175 -3.37 -3.34 23.72
C LEU D 175 -3.76 -4.43 24.70
N CYS D 176 -4.66 -5.31 24.29
CA CYS D 176 -5.16 -6.38 25.15
C CYS D 176 -5.23 -7.67 24.34
N PRO D 177 -4.10 -8.36 24.17
CA PRO D 177 -4.11 -9.59 23.35
C PRO D 177 -5.04 -10.64 23.91
N ASN D 178 -5.85 -11.23 23.02
CA ASN D 178 -6.82 -12.28 23.34
C ASN D 178 -7.92 -11.81 24.30
N GLY D 179 -8.19 -10.51 24.35
CA GLY D 179 -9.21 -9.98 25.24
C GLY D 179 -10.59 -10.08 24.64
N ASN D 180 -11.53 -9.41 25.32
CA ASN D 180 -12.93 -9.33 24.92
C ASN D 180 -13.25 -7.88 24.61
N TYR D 181 -13.76 -7.63 23.41
CA TYR D 181 -13.96 -6.28 22.93
C TYR D 181 -15.39 -6.12 22.46
N LEU D 182 -15.90 -4.91 22.64
CA LEU D 182 -17.22 -4.54 22.17
C LEU D 182 -17.13 -3.27 21.30
N GLU D 183 -17.81 -3.26 20.17
CA GLU D 183 -17.96 -2.04 19.39
C GLU D 183 -19.44 -1.67 19.28
N ILE D 184 -19.71 -0.36 19.32
CA ILE D 184 -21.05 0.20 19.22
C ILE D 184 -21.08 1.19 18.07
N PHE D 185 -22.06 1.03 17.18
CA PHE D 185 -22.34 1.94 16.07
C PHE D 185 -21.32 1.85 14.93
N ALA D 186 -20.64 0.70 14.77
CA ALA D 186 -19.58 0.62 13.76
C ALA D 186 -20.04 1.13 12.40
N ARG D 187 -19.26 2.04 11.87
CA ARG D 187 -19.57 2.56 10.58
C ARG D 187 -19.37 1.52 9.51
N ARG D 188 -20.21 1.55 8.53
CA ARG D 188 -20.23 0.45 7.56
C ARG D 188 -19.23 0.65 6.44
N ASN D 189 -18.97 -0.45 5.74
CA ASN D 189 -18.17 -0.46 4.53
C ASN D 189 -19.10 -0.30 3.34
N ASN D 190 -19.06 0.84 2.66
CA ASN D 190 -20.04 1.06 1.59
C ASN D 190 -19.73 0.25 0.33
N LEU D 191 -18.53 -0.33 0.19
CA LEU D 191 -18.32 -1.29 -0.90
C LEU D 191 -19.32 -2.43 -0.85
N HIS D 192 -19.79 -2.79 0.33
CA HIS D 192 -20.64 -3.95 0.49
C HIS D 192 -22.13 -3.60 0.46
N ASP D 193 -22.49 -2.35 0.19
CA ASP D 193 -23.91 -2.05 -0.02
C ASP D 193 -24.45 -2.94 -1.14
N ASN D 194 -25.69 -3.37 -1.00
CA ASN D 194 -26.36 -4.24 -1.99
C ASN D 194 -25.81 -5.66 -2.05
N TRP D 195 -24.91 -6.05 -1.13
CA TRP D 195 -24.54 -7.46 -0.99
C TRP D 195 -25.45 -8.09 0.05
N VAL D 196 -26.05 -9.23 -0.29
CA VAL D 196 -26.64 -10.12 0.70
C VAL D 196 -25.63 -11.23 0.96
N SER D 197 -25.51 -11.65 2.21
CA SER D 197 -24.55 -12.65 2.62
C SER D 197 -25.27 -13.77 3.34
N ILE D 198 -24.90 -15.02 3.08
CA ILE D 198 -25.41 -16.15 3.86
C ILE D 198 -24.28 -17.14 4.12
N GLY D 199 -24.38 -17.84 5.25
CA GLY D 199 -23.34 -18.79 5.61
C GLY D 199 -22.00 -18.16 5.90
N ASN D 200 -22.00 -16.91 6.39
CA ASN D 200 -20.78 -16.23 6.79
C ASN D 200 -19.99 -17.06 7.79
N GLU D 201 -18.68 -17.19 7.57
CA GLU D 201 -17.83 -17.76 8.59
C GLU D 201 -17.67 -16.80 9.76
#